data_3V0Q
#
_entry.id   3V0Q
#
_cell.length_a   78.100
_cell.length_b   153.670
_cell.length_c   52.500
_cell.angle_alpha   90.000
_cell.angle_beta   90.000
_cell.angle_gamma   90.000
#
_symmetry.space_group_name_H-M   'P 21 21 2'
#
loop_
_entity.id
_entity.type
_entity.pdbx_description
1 polymer 'Histo-blood group ABO system transferase'
2 non-polymer 'MANGANESE (II) ION'
3 non-polymer "URIDINE-5'-DIPHOSPHATE"
4 non-polymer 'octyl 2-O-(6-deoxy-alpha-L-galactopyranosyl)-beta-D-galactopyranoside'
5 non-polymer GLYCEROL
6 non-polymer 'SULFATE ION'
7 water water
#
_entity_poly.entity_id   1
_entity_poly.type   'polypeptide(L)'
_entity_poly.pdbx_seq_one_letter_code
;MAIGEFMVSLPRMVYPQPKVLTPCRKDVLVVTPWLAPIVWEGTFNIDILNEQFRLQNTTIGLTVFAIKKYVAFLKLFLET
AEKHFMVGHRVHYYVFTDQPAAVPRVTLGTGRQLSVLEVRAYKRWQDVSMRRMEMISDFCERRFLSEVDYLVCVDVDMEF
RDHVGVEILTPLFGTLHPGFYGSSREAFTYERRPQSQAYIPKDEGDFYYGGAFFGGSVQEVQRLTRACHQAMMVDQANGI
EAVWHDESHLNKYLLRHKPTKVLSPEYLWDQQLLGWPAVLRKLRFTAVPKNHQAVRNP
;
_entity_poly.pdbx_strand_id   A,B
#
loop_
_chem_comp.id
_chem_comp.type
_chem_comp.name
_chem_comp.formula
BHE non-polymer 'octyl 2-O-(6-deoxy-alpha-L-galactopyranosyl)-beta-D-galactopyranoside' 'C20 H38 O10'
GOL non-polymer GLYCEROL 'C3 H8 O3'
MN non-polymer 'MANGANESE (II) ION' 'Mn 2'
SO4 non-polymer 'SULFATE ION' 'O4 S -2'
UDP RNA linking URIDINE-5'-DIPHOSPHATE 'C9 H14 N2 O12 P2'
#
# COMPACT_ATOMS: atom_id res chain seq x y z
N ALA A 2 1.03 18.44 -0.80
CA ALA A 2 1.82 17.88 0.29
C ALA A 2 1.54 16.39 0.37
N ILE A 3 2.40 15.65 1.06
CA ILE A 3 2.08 14.25 1.35
C ILE A 3 1.63 14.22 2.80
N GLY A 4 0.34 14.01 3.02
CA GLY A 4 -0.21 14.07 4.37
C GLY A 4 0.38 12.98 5.23
N GLU A 5 0.67 13.29 6.50
CA GLU A 5 1.17 12.24 7.38
C GLU A 5 0.07 11.25 7.82
N PHE A 6 -1.19 11.66 7.71
CA PHE A 6 -2.30 10.82 8.18
C PHE A 6 -3.38 10.54 7.12
N MET A 7 -4.13 9.47 7.31
CA MET A 7 -5.26 9.15 6.45
C MET A 7 -6.18 10.37 6.42
N VAL A 8 -6.71 10.69 5.23
CA VAL A 8 -7.62 11.84 5.10
C VAL A 8 -9.08 11.42 5.25
N SER A 9 -9.92 12.36 5.64
CA SER A 9 -11.34 12.08 5.83
C SER A 9 -12.10 12.49 4.58
N LEU A 10 -12.78 11.54 3.98
CA LEU A 10 -13.50 11.78 2.73
C LEU A 10 -14.91 12.26 3.02
N PRO A 11 -15.50 13.02 2.09
CA PRO A 11 -16.92 13.33 2.24
C PRO A 11 -17.77 12.09 1.91
N ARG A 12 -19.08 12.14 2.16
CA ARG A 12 -19.97 11.08 1.65
C ARG A 12 -19.79 10.92 0.14
N MET A 13 -19.73 9.67 -0.33
CA MET A 13 -19.63 9.38 -1.76
C MET A 13 -20.55 8.22 -2.10
N VAL A 14 -21.14 8.25 -3.29
CA VAL A 14 -22.00 7.16 -3.76
C VAL A 14 -21.33 6.46 -4.96
N TYR A 15 -21.04 5.18 -4.81
CA TYR A 15 -20.42 4.38 -5.88
C TYR A 15 -20.77 2.91 -5.63
N PRO A 16 -20.56 2.05 -6.64
CA PRO A 16 -20.89 0.64 -6.48
C PRO A 16 -20.08 0.01 -5.36
N GLN A 17 -20.73 -0.84 -4.58
CA GLN A 17 -20.07 -1.55 -3.50
C GLN A 17 -19.00 -2.51 -4.03
N PRO A 18 -17.80 -2.50 -3.42
CA PRO A 18 -16.85 -3.54 -3.81
C PRO A 18 -17.42 -4.91 -3.46
N LYS A 19 -17.16 -5.91 -4.29
CA LYS A 19 -17.67 -7.26 -4.04
C LYS A 19 -16.59 -8.20 -3.57
N VAL A 20 -16.64 -8.56 -2.29
CA VAL A 20 -15.65 -9.44 -1.71
C VAL A 20 -15.53 -10.77 -2.46
N LEU A 21 -16.66 -11.30 -2.94
CA LEU A 21 -16.66 -12.63 -3.53
C LEU A 21 -16.64 -12.60 -5.05
N THR A 22 -16.29 -11.45 -5.59
CA THR A 22 -16.00 -11.30 -7.02
C THR A 22 -14.61 -10.69 -7.24
N PRO A 23 -13.66 -11.45 -7.79
CA PRO A 23 -12.36 -10.85 -8.10
C PRO A 23 -12.48 -9.69 -9.10
N CYS A 24 -11.71 -8.62 -8.91
CA CYS A 24 -11.77 -7.50 -9.84
C CYS A 24 -11.18 -7.85 -11.21
N ARG A 25 -10.20 -8.74 -11.22
CA ARG A 25 -9.69 -9.28 -12.48
C ARG A 25 -9.47 -10.76 -12.29
N LYS A 26 -9.86 -11.57 -13.28
CA LYS A 26 -9.65 -13.00 -13.17
C LYS A 26 -8.57 -13.43 -14.12
N ASP A 27 -8.00 -12.46 -14.84
CA ASP A 27 -7.08 -12.77 -15.92
C ASP A 27 -5.64 -12.35 -15.63
N VAL A 28 -5.44 -11.54 -14.61
CA VAL A 28 -4.10 -11.03 -14.31
C VAL A 28 -3.87 -11.00 -12.80
N LEU A 29 -2.60 -10.98 -12.40
CA LEU A 29 -2.20 -10.75 -11.02
C LEU A 29 -2.41 -9.28 -10.67
N VAL A 30 -3.14 -9.00 -9.58
CA VAL A 30 -3.40 -7.61 -9.24
C VAL A 30 -2.73 -7.16 -7.94
N VAL A 31 -1.97 -8.06 -7.31
CA VAL A 31 -1.17 -7.68 -6.14
C VAL A 31 0.11 -8.50 -6.13
N THR A 32 1.23 -7.87 -5.78
CA THR A 32 2.50 -8.60 -5.77
C THR A 32 2.60 -9.41 -4.48
N PRO A 33 3.57 -10.34 -4.43
CA PRO A 33 3.67 -11.12 -3.19
C PRO A 33 4.16 -10.31 -2.00
N TRP A 34 4.56 -9.05 -2.21
CA TRP A 34 4.87 -8.17 -1.08
C TRP A 34 3.73 -7.18 -0.86
N LEU A 35 2.56 -7.53 -1.40
CA LEU A 35 1.33 -6.80 -1.16
C LEU A 35 1.33 -5.38 -1.74
N ALA A 36 2.01 -5.19 -2.86
CA ALA A 36 1.90 -3.95 -3.62
C ALA A 36 0.85 -4.17 -4.69
N PRO A 37 -0.09 -3.23 -4.81
CA PRO A 37 -1.07 -3.30 -5.92
C PRO A 37 -0.36 -3.28 -7.27
N ILE A 38 -0.84 -4.08 -8.22
CA ILE A 38 -0.44 -3.96 -9.62
C ILE A 38 -1.61 -3.30 -10.32
N VAL A 39 -1.35 -2.14 -10.91
CA VAL A 39 -2.41 -1.25 -11.37
C VAL A 39 -2.88 -1.59 -12.78
N TRP A 40 -4.09 -2.14 -12.85
CA TRP A 40 -4.77 -2.46 -14.10
C TRP A 40 -6.13 -1.77 -14.08
N GLU A 41 -6.67 -1.43 -15.25
CA GLU A 41 -8.05 -0.97 -15.31
C GLU A 41 -8.95 -2.03 -14.66
N GLY A 42 -9.89 -1.59 -13.84
CA GLY A 42 -10.78 -2.52 -13.14
C GLY A 42 -10.40 -2.70 -11.67
N THR A 43 -9.20 -2.24 -11.30
CA THR A 43 -8.74 -2.45 -9.93
C THR A 43 -9.01 -1.25 -9.06
N PHE A 44 -9.27 -0.09 -9.65
CA PHE A 44 -9.37 1.13 -8.86
C PHE A 44 -10.59 1.96 -9.21
N ASN A 45 -11.13 2.64 -8.20
CA ASN A 45 -12.16 3.64 -8.40
C ASN A 45 -11.48 4.99 -8.36
N ILE A 46 -11.43 5.64 -9.52
CA ILE A 46 -10.63 6.86 -9.63
C ILE A 46 -11.26 8.03 -8.84
N ASP A 47 -12.58 8.00 -8.62
CA ASP A 47 -13.23 9.07 -7.88
C ASP A 47 -12.76 9.07 -6.42
N ILE A 48 -12.62 7.87 -5.85
CA ILE A 48 -12.13 7.76 -4.47
C ILE A 48 -10.68 8.24 -4.42
N LEU A 49 -9.86 7.74 -5.33
CA LEU A 49 -8.43 8.10 -5.31
C LEU A 49 -8.26 9.61 -5.55
N ASN A 50 -9.02 10.18 -6.49
CA ASN A 50 -8.93 11.62 -6.76
C ASN A 50 -9.24 12.45 -5.51
N GLU A 51 -10.30 12.10 -4.80
CA GLU A 51 -10.59 12.74 -3.52
C GLU A 51 -9.44 12.65 -2.53
N GLN A 52 -8.92 11.44 -2.33
CA GLN A 52 -7.85 11.26 -1.36
C GLN A 52 -6.66 12.16 -1.73
N PHE A 53 -6.29 12.19 -3.00
CA PHE A 53 -5.10 12.96 -3.37
C PHE A 53 -5.33 14.47 -3.46
N ARG A 54 -6.52 14.88 -3.91
CA ARG A 54 -6.87 16.31 -3.89
C ARG A 54 -6.91 16.88 -2.49
N LEU A 55 -7.43 16.11 -1.54
CA LEU A 55 -7.51 16.59 -0.16
C LEU A 55 -6.12 16.87 0.42
N GLN A 56 -5.09 16.31 -0.21
CA GLN A 56 -3.73 16.61 0.22
C GLN A 56 -3.02 17.65 -0.66
N ASN A 57 -3.76 18.30 -1.58
CA ASN A 57 -3.19 19.23 -2.56
CA ASN A 57 -3.16 19.24 -2.52
C ASN A 57 -1.91 18.67 -3.19
N THR A 58 -2.04 17.46 -3.72
CA THR A 58 -0.89 16.75 -4.25
C THR A 58 -0.34 17.44 -5.49
N THR A 59 0.98 17.57 -5.55
CA THR A 59 1.63 18.14 -6.72
CA THR A 59 1.62 18.14 -6.72
C THR A 59 2.53 17.08 -7.33
N ILE A 60 2.40 16.87 -8.63
CA ILE A 60 3.19 15.82 -9.28
C ILE A 60 4.17 16.45 -10.26
N GLY A 61 5.45 16.13 -10.13
CA GLY A 61 6.41 16.52 -11.15
C GLY A 61 6.50 15.42 -12.20
N LEU A 62 6.66 15.82 -13.47
CA LEU A 62 6.84 14.85 -14.55
C LEU A 62 8.15 15.22 -15.23
N THR A 63 9.17 14.35 -15.15
CA THR A 63 10.45 14.65 -15.79
C THR A 63 10.58 14.00 -17.15
N VAL A 64 11.15 14.72 -18.09
CA VAL A 64 11.35 14.17 -19.41
C VAL A 64 12.63 14.77 -20.00
N PHE A 65 13.40 13.94 -20.71
CA PHE A 65 14.64 14.40 -21.33
C PHE A 65 14.47 14.56 -22.82
N ALA A 66 14.86 15.72 -23.33
CA ALA A 66 14.72 15.96 -24.74
C ALA A 66 16.04 16.58 -25.23
N ILE A 67 17.03 15.70 -25.38
CA ILE A 67 18.40 16.07 -25.70
C ILE A 67 18.63 15.83 -27.18
N LYS A 68 19.34 16.77 -27.81
CA LYS A 68 19.61 16.69 -29.25
C LYS A 68 18.32 16.58 -30.08
N LYS A 69 18.22 15.58 -30.94
CA LYS A 69 17.08 15.50 -31.86
C LYS A 69 15.74 15.19 -31.16
N TYR A 70 15.80 14.73 -29.92
CA TYR A 70 14.59 14.31 -29.23
C TYR A 70 13.69 15.47 -28.82
N VAL A 71 14.13 16.71 -29.04
CA VAL A 71 13.22 17.85 -28.84
C VAL A 71 12.00 17.75 -29.75
N ALA A 72 12.14 17.08 -30.89
CA ALA A 72 11.03 16.89 -31.80
C ALA A 72 9.84 16.15 -31.16
N PHE A 73 10.07 15.38 -30.10
CA PHE A 73 8.99 14.61 -29.46
C PHE A 73 8.19 15.43 -28.45
N LEU A 74 8.65 16.62 -28.14
CA LEU A 74 8.08 17.34 -27.01
C LEU A 74 6.66 17.82 -27.27
N LYS A 75 6.40 18.27 -28.49
CA LYS A 75 5.09 18.88 -28.75
C LYS A 75 3.96 17.91 -28.45
N LEU A 76 4.04 16.71 -29.01
CA LEU A 76 3.01 15.68 -28.84
C LEU A 76 3.02 15.14 -27.41
N PHE A 77 4.21 14.97 -26.85
CA PHE A 77 4.32 14.53 -25.46
C PHE A 77 3.53 15.46 -24.54
N LEU A 78 3.81 16.76 -24.60
CA LEU A 78 3.18 17.71 -23.69
C LEU A 78 1.71 17.94 -23.98
N GLU A 79 1.35 18.01 -25.26
CA GLU A 79 -0.05 18.22 -25.62
C GLU A 79 -0.91 17.07 -25.12
N THR A 80 -0.42 15.84 -25.27
CA THR A 80 -1.20 14.69 -24.82
C THR A 80 -1.17 14.54 -23.28
N ALA A 81 -0.09 14.94 -22.65
CA ALA A 81 -0.04 14.96 -21.20
C ALA A 81 -1.12 15.89 -20.67
N GLU A 82 -1.32 17.02 -21.33
CA GLU A 82 -2.37 17.96 -20.93
C GLU A 82 -3.75 17.32 -20.93
N LYS A 83 -4.00 16.42 -21.87
CA LYS A 83 -5.28 15.76 -21.98
C LYS A 83 -5.46 14.61 -21.00
N HIS A 84 -4.36 13.97 -20.59
CA HIS A 84 -4.47 12.67 -19.91
C HIS A 84 -3.74 12.49 -18.59
N PHE A 85 -2.77 13.35 -18.31
CA PHE A 85 -1.90 13.11 -17.16
C PHE A 85 -2.32 13.95 -15.95
N MET A 86 -2.81 13.29 -14.89
CA MET A 86 -3.10 13.95 -13.62
C MET A 86 -4.06 15.14 -13.76
N VAL A 87 -4.96 15.10 -14.72
CA VAL A 87 -5.88 16.23 -14.88
C VAL A 87 -6.70 16.48 -13.60
N GLY A 88 -6.71 17.73 -13.13
CA GLY A 88 -7.42 18.11 -11.93
C GLY A 88 -6.47 18.33 -10.75
N HIS A 89 -5.24 17.84 -10.91
CA HIS A 89 -4.19 17.96 -9.88
C HIS A 89 -3.10 18.94 -10.32
N ARG A 90 -2.25 19.32 -9.37
CA ARG A 90 -1.14 20.23 -9.67
C ARG A 90 -0.05 19.44 -10.36
N VAL A 91 0.40 19.93 -11.53
CA VAL A 91 1.45 19.25 -12.29
C VAL A 91 2.58 20.21 -12.63
N HIS A 92 3.81 19.74 -12.50
CA HIS A 92 4.97 20.54 -12.86
C HIS A 92 5.80 19.73 -13.82
N TYR A 93 5.84 20.15 -15.08
CA TYR A 93 6.67 19.43 -16.04
C TYR A 93 8.10 19.92 -15.91
N TYR A 94 9.04 18.99 -15.96
CA TYR A 94 10.44 19.37 -16.03
C TYR A 94 11.04 18.81 -17.31
N VAL A 95 11.35 19.69 -18.24
CA VAL A 95 11.97 19.29 -19.50
C VAL A 95 13.48 19.54 -19.44
N PHE A 96 14.24 18.47 -19.42
CA PHE A 96 15.70 18.53 -19.42
C PHE A 96 16.12 18.58 -20.88
N THR A 97 16.89 19.59 -21.27
CA THR A 97 17.26 19.72 -22.66
C THR A 97 18.56 20.49 -22.82
N ASP A 98 19.24 20.24 -23.92
CA ASP A 98 20.40 21.03 -24.30
C ASP A 98 20.00 22.20 -25.20
N GLN A 99 18.71 22.32 -25.51
CA GLN A 99 18.23 23.37 -26.41
C GLN A 99 16.99 24.04 -25.87
N PRO A 100 17.15 24.93 -24.88
CA PRO A 100 15.98 25.59 -24.28
C PRO A 100 15.08 26.27 -25.30
N ALA A 101 15.67 26.89 -26.31
CA ALA A 101 14.87 27.64 -27.29
C ALA A 101 14.03 26.72 -28.20
N ALA A 102 14.34 25.42 -28.21
CA ALA A 102 13.63 24.48 -29.06
C ALA A 102 12.41 23.86 -28.37
N VAL A 103 12.20 24.19 -27.10
CA VAL A 103 11.01 23.69 -26.41
C VAL A 103 9.76 24.38 -26.98
N PRO A 104 8.81 23.58 -27.48
CA PRO A 104 7.62 24.15 -28.12
C PRO A 104 6.72 24.86 -27.14
N ARG A 105 5.98 25.83 -27.66
CA ARG A 105 4.96 26.53 -26.88
CA ARG A 105 4.97 26.53 -26.88
C ARG A 105 3.75 25.63 -26.76
N VAL A 106 3.40 25.28 -25.53
CA VAL A 106 2.22 24.44 -25.28
C VAL A 106 1.36 25.10 -24.22
N THR A 107 0.08 25.25 -24.52
CA THR A 107 -0.84 25.90 -23.62
C THR A 107 -1.17 24.94 -22.49
N LEU A 108 -1.04 25.41 -21.24
CA LEU A 108 -1.25 24.54 -20.09
C LEU A 108 -2.53 24.86 -19.35
N GLY A 109 -3.17 23.83 -18.80
CA GLY A 109 -4.33 24.03 -17.95
C GLY A 109 -3.96 24.71 -16.64
N THR A 110 -4.97 25.23 -15.95
CA THR A 110 -4.72 25.88 -14.65
C THR A 110 -4.06 24.90 -13.66
N GLY A 111 -3.16 25.44 -12.83
CA GLY A 111 -2.47 24.65 -11.82
C GLY A 111 -1.34 23.81 -12.37
N ARG A 112 -0.97 24.03 -13.64
CA ARG A 112 0.05 23.21 -14.28
C ARG A 112 1.12 24.16 -14.78
N GLN A 113 2.39 23.76 -14.68
CA GLN A 113 3.47 24.63 -15.14
C GLN A 113 4.62 23.83 -15.72
N LEU A 114 5.51 24.52 -16.41
CA LEU A 114 6.62 23.86 -17.07
C LEU A 114 7.90 24.59 -16.75
N SER A 115 8.93 23.85 -16.32
CA SER A 115 10.28 24.37 -16.19
C SER A 115 11.20 23.71 -17.20
N VAL A 116 12.06 24.50 -17.83
CA VAL A 116 13.08 23.95 -18.73
C VAL A 116 14.42 23.92 -17.99
N LEU A 117 15.02 22.74 -17.87
CA LEU A 117 16.28 22.59 -17.15
C LEU A 117 17.40 22.36 -18.17
N GLU A 118 18.30 23.33 -18.32
CA GLU A 118 19.35 23.21 -19.31
C GLU A 118 20.46 22.31 -18.79
N VAL A 119 20.73 21.23 -19.53
CA VAL A 119 21.77 20.28 -19.17
C VAL A 119 22.67 19.95 -20.37
N ARG A 120 23.80 19.30 -20.09
CA ARG A 120 24.72 18.95 -21.17
C ARG A 120 24.20 17.76 -21.97
N ALA A 121 24.59 17.71 -23.24
CA ALA A 121 24.28 16.59 -24.10
C ALA A 121 25.50 15.67 -24.20
N TYR A 122 25.31 14.39 -23.91
CA TYR A 122 26.40 13.44 -24.09
C TYR A 122 26.42 12.98 -25.53
N LYS A 123 27.58 12.54 -25.98
CA LYS A 123 27.74 12.09 -27.36
C LYS A 123 26.98 10.79 -27.64
N ARG A 124 27.20 9.76 -26.82
CA ARG A 124 26.55 8.47 -27.03
C ARG A 124 25.14 8.46 -26.46
N TRP A 125 24.19 7.92 -27.22
CA TRP A 125 22.81 7.83 -26.73
C TRP A 125 22.76 7.03 -25.43
N GLN A 126 23.61 6.01 -25.32
CA GLN A 126 23.65 5.19 -24.11
C GLN A 126 23.95 6.08 -22.91
N ASP A 127 24.90 7.00 -23.07
CA ASP A 127 25.25 7.94 -22.00
C ASP A 127 24.14 8.95 -21.73
N VAL A 128 23.52 9.48 -22.79
CA VAL A 128 22.39 10.38 -22.61
C VAL A 128 21.32 9.71 -21.75
N SER A 129 21.00 8.48 -22.10
CA SER A 129 19.96 7.73 -21.38
C SER A 129 20.39 7.44 -19.94
N MET A 130 21.63 6.98 -19.76
CA MET A 130 22.09 6.60 -18.43
CA MET A 130 22.10 6.60 -18.43
C MET A 130 22.25 7.81 -17.51
N ARG A 131 22.75 8.92 -18.05
CA ARG A 131 22.97 10.12 -17.24
C ARG A 131 21.69 10.78 -16.73
N ARG A 132 20.54 10.34 -17.22
CA ARG A 132 19.27 10.76 -16.65
C ARG A 132 19.24 10.48 -15.15
N MET A 133 19.80 9.36 -14.73
CA MET A 133 19.78 9.05 -13.29
C MET A 133 20.52 10.13 -12.51
N GLU A 134 21.75 10.45 -12.92
CA GLU A 134 22.51 11.48 -12.21
C GLU A 134 21.77 12.82 -12.22
N MET A 135 21.21 13.17 -13.37
CA MET A 135 20.58 14.48 -13.52
C MET A 135 19.29 14.58 -12.71
N ILE A 136 18.50 13.53 -12.71
CA ILE A 136 17.32 13.53 -11.87
C ILE A 136 17.71 13.65 -10.39
N SER A 137 18.69 12.86 -9.98
CA SER A 137 19.12 12.89 -8.58
C SER A 137 19.58 14.29 -8.19
N ASP A 138 20.39 14.90 -9.04
CA ASP A 138 20.92 16.24 -8.76
C ASP A 138 19.79 17.26 -8.56
N PHE A 139 18.80 17.23 -9.44
CA PHE A 139 17.71 18.20 -9.36
C PHE A 139 16.71 17.90 -8.27
N CYS A 140 16.72 16.69 -7.74
CA CYS A 140 15.90 16.39 -6.57
C CYS A 140 16.34 17.31 -5.45
N GLU A 141 17.64 17.37 -5.22
CA GLU A 141 18.21 18.25 -4.20
C GLU A 141 18.05 19.72 -4.59
N ARG A 142 18.30 20.04 -5.85
CA ARG A 142 18.26 21.44 -6.28
C ARG A 142 16.86 22.04 -6.33
N ARG A 143 15.87 21.25 -6.71
CA ARG A 143 14.55 21.78 -7.06
C ARG A 143 13.37 20.92 -6.60
N PHE A 144 13.42 19.62 -6.88
CA PHE A 144 12.19 18.84 -6.76
C PHE A 144 11.66 18.73 -5.34
N LEU A 145 12.56 18.63 -4.37
CA LEU A 145 12.14 18.45 -2.97
C LEU A 145 11.30 19.64 -2.52
N SER A 146 11.65 20.83 -2.98
CA SER A 146 10.89 22.03 -2.62
C SER A 146 9.62 22.20 -3.45
N GLU A 147 9.55 21.56 -4.62
CA GLU A 147 8.51 21.94 -5.57
C GLU A 147 7.38 20.92 -5.76
N VAL A 148 7.65 19.65 -5.55
CA VAL A 148 6.61 18.64 -5.83
C VAL A 148 6.61 17.57 -4.77
N ASP A 149 5.52 16.82 -4.71
CA ASP A 149 5.38 15.72 -3.74
C ASP A 149 5.85 14.40 -4.32
N TYR A 150 5.48 14.14 -5.58
CA TYR A 150 5.84 12.92 -6.28
C TYR A 150 6.53 13.30 -7.58
N LEU A 151 7.40 12.41 -8.04
CA LEU A 151 8.06 12.53 -9.34
C LEU A 151 7.71 11.34 -10.19
N VAL A 152 7.40 11.60 -11.44
CA VAL A 152 7.15 10.55 -12.40
C VAL A 152 8.18 10.78 -13.51
N CYS A 153 8.96 9.75 -13.83
CA CYS A 153 10.12 9.91 -14.71
C CYS A 153 9.93 9.04 -15.93
N VAL A 154 9.82 9.67 -17.11
CA VAL A 154 9.45 8.95 -18.31
C VAL A 154 10.31 9.28 -19.52
N ASP A 155 10.26 8.41 -20.54
CA ASP A 155 10.80 8.72 -21.87
C ASP A 155 9.96 9.78 -22.59
N VAL A 156 10.59 10.51 -23.53
CA VAL A 156 9.92 11.57 -24.28
C VAL A 156 9.32 11.05 -25.60
N ASP A 157 9.87 9.95 -26.12
CA ASP A 157 9.41 9.43 -27.41
C ASP A 157 8.10 8.66 -27.28
N MET A 158 7.09 9.32 -26.72
CA MET A 158 5.88 8.67 -26.24
C MET A 158 4.72 9.64 -26.34
N GLU A 159 3.50 9.12 -26.24
CA GLU A 159 2.32 10.01 -26.17
C GLU A 159 1.32 9.38 -25.22
N PHE A 160 0.55 10.22 -24.55
CA PHE A 160 -0.51 9.73 -23.70
C PHE A 160 -1.72 9.51 -24.58
N ARG A 161 -2.40 8.37 -24.40
CA ARG A 161 -3.62 8.09 -25.17
C ARG A 161 -4.84 7.89 -24.27
N ASP A 162 -4.61 7.73 -22.97
CA ASP A 162 -5.72 7.55 -22.04
C ASP A 162 -5.27 7.98 -20.65
N HIS A 163 -6.19 7.91 -19.71
CA HIS A 163 -5.97 8.36 -18.34
C HIS A 163 -4.70 7.82 -17.68
N VAL A 164 -3.83 8.72 -17.21
CA VAL A 164 -2.75 8.34 -16.30
C VAL A 164 -2.88 9.30 -15.13
N GLY A 165 -3.33 8.77 -13.99
CA GLY A 165 -3.66 9.63 -12.87
C GLY A 165 -3.10 9.17 -11.54
N VAL A 166 -3.72 9.65 -10.46
CA VAL A 166 -3.17 9.46 -9.13
C VAL A 166 -3.18 8.00 -8.66
N GLU A 167 -3.87 7.13 -9.38
CA GLU A 167 -3.77 5.70 -9.08
C GLU A 167 -2.33 5.19 -9.07
N ILE A 168 -1.42 5.88 -9.77
CA ILE A 168 -0.03 5.41 -9.81
C ILE A 168 0.82 5.91 -8.64
N LEU A 169 0.30 6.87 -7.88
CA LEU A 169 1.13 7.51 -6.88
C LEU A 169 1.27 6.70 -5.60
N THR A 170 2.51 6.63 -5.11
CA THR A 170 2.90 5.75 -4.01
C THR A 170 4.37 6.08 -3.74
N PRO A 171 4.93 5.62 -2.61
CA PRO A 171 6.35 5.95 -2.35
C PRO A 171 7.34 5.55 -3.44
N LEU A 172 7.16 4.38 -4.04
CA LEU A 172 8.10 3.95 -5.07
C LEU A 172 7.38 3.05 -6.06
N PHE A 173 7.41 3.37 -7.34
CA PHE A 173 6.78 2.45 -8.32
C PHE A 173 7.63 2.18 -9.55
N GLY A 174 7.45 0.98 -10.10
CA GLY A 174 8.00 0.62 -11.38
C GLY A 174 6.86 0.16 -12.27
N THR A 175 7.18 -0.08 -13.54
CA THR A 175 6.17 -0.39 -14.55
C THR A 175 6.59 -1.66 -15.26
N LEU A 176 5.65 -2.58 -15.44
CA LEU A 176 5.96 -3.81 -16.21
C LEU A 176 6.29 -3.49 -17.67
N HIS A 177 7.48 -3.90 -18.09
CA HIS A 177 7.95 -3.67 -19.47
C HIS A 177 7.02 -4.42 -20.40
N PRO A 178 6.55 -3.78 -21.48
CA PRO A 178 5.58 -4.38 -22.38
C PRO A 178 6.09 -5.66 -23.10
N GLY A 179 7.40 -5.80 -23.28
CA GLY A 179 7.93 -6.96 -23.99
C GLY A 179 8.08 -8.20 -23.12
N PHE A 180 7.90 -8.06 -21.81
CA PHE A 180 8.25 -9.15 -20.91
C PHE A 180 7.21 -9.48 -19.83
N TYR A 181 6.08 -8.80 -19.82
CA TYR A 181 5.13 -9.01 -18.71
C TYR A 181 4.68 -10.46 -18.60
N GLY A 182 4.66 -11.18 -19.73
CA GLY A 182 4.26 -12.58 -19.72
C GLY A 182 5.42 -13.56 -19.70
N SER A 183 6.64 -13.06 -19.51
CA SER A 183 7.83 -13.90 -19.62
C SER A 183 8.28 -14.50 -18.31
N SER A 184 8.94 -15.64 -18.38
CA SER A 184 9.58 -16.25 -17.20
C SER A 184 10.88 -15.52 -16.90
N ARG A 185 11.33 -15.54 -15.65
CA ARG A 185 12.44 -14.70 -15.23
C ARG A 185 13.74 -15.01 -15.99
N GLU A 186 13.85 -16.21 -16.55
CA GLU A 186 15.07 -16.59 -17.28
C GLU A 186 15.08 -15.99 -18.69
N ALA A 187 13.93 -15.52 -19.14
CA ALA A 187 13.85 -14.81 -20.40
C ALA A 187 14.04 -13.30 -20.22
N PHE A 188 13.90 -12.82 -18.99
CA PHE A 188 14.16 -11.40 -18.69
C PHE A 188 15.56 -11.01 -19.15
N THR A 189 15.71 -9.86 -19.79
CA THR A 189 17.01 -9.44 -20.28
C THR A 189 17.79 -8.64 -19.23
N TYR A 190 17.85 -9.17 -18.01
CA TYR A 190 18.68 -8.59 -16.95
C TYR A 190 20.15 -8.67 -17.36
N GLU A 191 20.97 -7.84 -16.71
CA GLU A 191 22.41 -7.98 -16.84
C GLU A 191 22.83 -9.26 -16.14
N ARG A 192 23.52 -10.13 -16.87
CA ARG A 192 23.85 -11.48 -16.41
C ARG A 192 25.32 -11.64 -16.03
N ARG A 193 26.16 -10.65 -16.33
CA ARG A 193 27.56 -10.70 -15.89
C ARG A 193 27.67 -10.48 -14.39
N PRO A 194 28.22 -11.46 -13.66
CA PRO A 194 28.39 -11.36 -12.21
C PRO A 194 29.20 -10.13 -11.80
N GLN A 195 30.06 -9.66 -12.67
CA GLN A 195 30.94 -8.54 -12.33
C GLN A 195 30.23 -7.19 -12.33
N SER A 196 29.02 -7.14 -12.90
CA SER A 196 28.31 -5.87 -12.99
C SER A 196 27.50 -5.64 -11.73
N GLN A 197 27.42 -4.38 -11.28
CA GLN A 197 26.54 -4.05 -10.15
C GLN A 197 25.07 -4.35 -10.43
N ALA A 198 24.70 -4.45 -11.71
CA ALA A 198 23.31 -4.72 -12.07
C ALA A 198 23.03 -6.20 -12.22
N TYR A 199 24.02 -7.03 -11.92
CA TYR A 199 23.87 -8.49 -12.01
C TYR A 199 22.63 -9.06 -11.33
N ILE A 200 21.87 -9.87 -12.07
CA ILE A 200 20.79 -10.67 -11.48
C ILE A 200 20.83 -12.09 -12.07
N PRO A 201 21.04 -13.11 -11.21
CA PRO A 201 21.11 -14.53 -11.57
C PRO A 201 19.79 -15.04 -12.14
N LYS A 202 19.80 -16.16 -12.85
CA LYS A 202 18.58 -16.65 -13.48
C LYS A 202 17.54 -17.13 -12.49
N ASP A 203 17.93 -17.31 -11.23
CA ASP A 203 16.97 -17.77 -10.21
C ASP A 203 16.40 -16.63 -9.36
N GLU A 204 16.65 -15.39 -9.78
CA GLU A 204 16.11 -14.23 -9.10
C GLU A 204 15.32 -13.35 -10.06
N GLY A 205 14.49 -12.49 -9.49
CA GLY A 205 13.74 -11.54 -10.29
C GLY A 205 12.25 -11.73 -10.08
N ASP A 206 11.55 -10.61 -9.93
CA ASP A 206 10.10 -10.63 -9.82
C ASP A 206 9.50 -10.32 -11.16
N PHE A 207 9.93 -9.19 -11.71
CA PHE A 207 9.39 -8.66 -12.95
C PHE A 207 10.51 -8.02 -13.72
N TYR A 208 10.28 -7.76 -15.00
CA TYR A 208 11.20 -6.94 -15.75
C TYR A 208 10.57 -5.56 -15.88
N TYR A 209 11.12 -4.58 -15.15
CA TYR A 209 10.58 -3.22 -15.19
C TYR A 209 11.17 -2.38 -16.32
N GLY A 210 10.33 -1.53 -16.92
CA GLY A 210 10.77 -0.68 -18.01
C GLY A 210 11.46 0.58 -17.52
N GLY A 211 12.61 0.88 -18.10
CA GLY A 211 13.31 2.11 -17.72
C GLY A 211 12.58 3.38 -18.10
N ALA A 212 11.59 3.24 -18.98
CA ALA A 212 10.89 4.38 -19.58
C ALA A 212 9.78 4.96 -18.67
N PHE A 213 9.53 4.33 -17.51
CA PHE A 213 8.43 4.82 -16.66
C PHE A 213 8.59 4.32 -15.21
N PHE A 214 9.10 5.17 -14.33
CA PHE A 214 9.19 4.85 -12.91
C PHE A 214 8.95 6.13 -12.10
N GLY A 215 8.85 5.99 -10.79
CA GLY A 215 8.62 7.18 -10.00
C GLY A 215 8.35 6.87 -8.55
N GLY A 216 7.80 7.87 -7.85
CA GLY A 216 7.60 7.71 -6.41
C GLY A 216 7.62 9.04 -5.69
N SER A 217 7.71 9.02 -4.37
CA SER A 217 7.87 10.29 -3.65
C SER A 217 9.19 10.90 -4.09
N VAL A 218 9.34 12.21 -3.95
CA VAL A 218 10.63 12.78 -4.32
C VAL A 218 11.78 12.10 -3.55
N GLN A 219 11.57 11.83 -2.27
CA GLN A 219 12.67 11.26 -1.49
C GLN A 219 13.06 9.87 -1.99
N GLU A 220 12.08 9.05 -2.35
CA GLU A 220 12.43 7.71 -2.84
C GLU A 220 13.03 7.76 -4.24
N VAL A 221 12.53 8.64 -5.10
CA VAL A 221 13.10 8.77 -6.43
C VAL A 221 14.53 9.30 -6.33
N GLN A 222 14.77 10.22 -5.40
CA GLN A 222 16.14 10.70 -5.19
C GLN A 222 17.07 9.54 -4.82
N ARG A 223 16.64 8.69 -3.89
CA ARG A 223 17.46 7.55 -3.49
C ARG A 223 17.67 6.53 -4.62
N LEU A 224 16.62 6.26 -5.38
CA LEU A 224 16.73 5.32 -6.48
C LEU A 224 17.69 5.82 -7.55
N THR A 225 17.54 7.08 -7.93
CA THR A 225 18.34 7.64 -9.02
C THR A 225 19.79 7.79 -8.58
N ARG A 226 19.99 8.26 -7.35
CA ARG A 226 21.33 8.31 -6.77
C ARG A 226 21.99 6.93 -6.78
N ALA A 227 21.28 5.90 -6.31
CA ALA A 227 21.86 4.55 -6.22
C ALA A 227 22.16 3.98 -7.60
N CYS A 228 21.28 4.24 -8.57
CA CYS A 228 21.52 3.74 -9.90
C CYS A 228 22.73 4.43 -10.52
N HIS A 229 22.85 5.74 -10.31
CA HIS A 229 23.99 6.46 -10.86
C HIS A 229 25.27 5.92 -10.25
N GLN A 230 25.27 5.73 -8.93
CA GLN A 230 26.47 5.24 -8.27
C GLN A 230 26.86 3.86 -8.77
N ALA A 231 25.87 2.99 -8.98
CA ALA A 231 26.13 1.66 -9.53
C ALA A 231 26.75 1.74 -10.93
N MET A 232 26.24 2.64 -11.75
CA MET A 232 26.78 2.81 -13.10
C MET A 232 28.21 3.33 -13.07
N MET A 233 28.52 4.17 -12.07
CA MET A 233 29.87 4.70 -11.96
C MET A 233 30.84 3.61 -11.50
N VAL A 234 30.40 2.77 -10.59
CA VAL A 234 31.20 1.62 -10.19
C VAL A 234 31.47 0.73 -11.42
N ASP A 235 30.41 0.44 -12.17
CA ASP A 235 30.55 -0.38 -13.37
C ASP A 235 31.54 0.26 -14.33
N GLN A 236 31.41 1.57 -14.52
CA GLN A 236 32.28 2.28 -15.44
C GLN A 236 33.74 2.12 -15.02
N ALA A 237 34.00 2.27 -13.72
CA ALA A 237 35.36 2.14 -13.20
C ALA A 237 35.92 0.74 -13.46
N ASN A 238 35.01 -0.24 -13.50
CA ASN A 238 35.37 -1.63 -13.76
C ASN A 238 35.32 -1.99 -15.24
N GLY A 239 35.11 -1.00 -16.11
CA GLY A 239 35.10 -1.24 -17.54
C GLY A 239 33.88 -1.97 -18.06
N ILE A 240 32.75 -1.84 -17.34
CA ILE A 240 31.54 -2.57 -17.66
C ILE A 240 30.40 -1.60 -17.97
N GLU A 241 29.64 -1.89 -19.02
CA GLU A 241 28.38 -1.20 -19.27
C GLU A 241 27.26 -2.23 -19.36
N ALA A 242 26.26 -2.12 -18.48
CA ALA A 242 25.17 -3.10 -18.44
C ALA A 242 24.41 -3.20 -19.77
N VAL A 243 23.92 -4.40 -20.07
CA VAL A 243 23.33 -4.71 -21.36
C VAL A 243 22.23 -3.71 -21.72
N TRP A 244 21.38 -3.36 -20.76
CA TRP A 244 20.34 -2.35 -21.02
C TRP A 244 20.49 -1.10 -20.17
N HIS A 245 21.73 -0.75 -19.88
CA HIS A 245 22.06 0.59 -19.40
C HIS A 245 21.28 0.93 -18.12
N ASP A 246 20.67 2.11 -18.07
CA ASP A 246 19.94 2.52 -16.86
C ASP A 246 18.82 1.56 -16.47
N GLU A 247 18.16 0.97 -17.46
CA GLU A 247 17.10 -0.03 -17.20
C GLU A 247 17.62 -1.26 -16.44
N SER A 248 18.86 -1.67 -16.74
CA SER A 248 19.44 -2.80 -16.02
C SER A 248 19.62 -2.48 -14.54
N HIS A 249 20.10 -1.27 -14.26
CA HIS A 249 20.30 -0.83 -12.89
C HIS A 249 18.98 -0.57 -12.15
N LEU A 250 18.00 -0.02 -12.87
CA LEU A 250 16.65 0.15 -12.31
C LEU A 250 16.10 -1.19 -11.87
N ASN A 251 16.28 -2.21 -12.71
CA ASN A 251 15.84 -3.56 -12.34
C ASN A 251 16.53 -4.14 -11.11
N LYS A 252 17.84 -3.95 -11.02
CA LYS A 252 18.57 -4.37 -9.83
CA LYS A 252 18.59 -4.36 -9.83
C LYS A 252 18.04 -3.63 -8.61
N TYR A 253 17.82 -2.32 -8.74
CA TYR A 253 17.37 -1.55 -7.59
C TYR A 253 16.00 -2.02 -7.08
N LEU A 254 15.07 -2.22 -8.01
CA LEU A 254 13.71 -2.60 -7.64
C LEU A 254 13.59 -4.08 -7.21
N LEU A 255 14.57 -4.89 -7.60
CA LEU A 255 14.62 -6.27 -7.10
C LEU A 255 14.86 -6.23 -5.59
N ARG A 256 15.77 -5.38 -5.17
CA ARG A 256 16.19 -5.34 -3.76
C ARG A 256 15.37 -4.37 -2.91
N HIS A 257 14.76 -3.37 -3.55
CA HIS A 257 13.90 -2.40 -2.87
C HIS A 257 12.53 -2.50 -3.53
N LYS A 258 11.66 -3.35 -2.99
CA LYS A 258 10.38 -3.65 -3.65
C LYS A 258 9.53 -2.40 -3.81
N PRO A 259 9.00 -2.18 -5.03
CA PRO A 259 8.13 -1.02 -5.21
C PRO A 259 6.81 -1.20 -4.50
N THR A 260 6.20 -0.09 -4.07
CA THR A 260 4.97 -0.16 -3.29
C THR A 260 3.71 -0.19 -4.18
N LYS A 261 3.89 0.14 -5.47
CA LYS A 261 2.94 -0.20 -6.53
C LYS A 261 3.72 -0.60 -7.76
N VAL A 262 3.10 -1.44 -8.60
CA VAL A 262 3.67 -1.79 -9.89
C VAL A 262 2.62 -1.48 -10.95
N LEU A 263 3.00 -0.72 -11.98
CA LEU A 263 2.03 -0.38 -13.01
C LEU A 263 2.00 -1.46 -14.08
N SER A 264 0.80 -1.78 -14.57
CA SER A 264 0.69 -2.77 -15.64
C SER A 264 1.17 -2.18 -16.96
N PRO A 265 1.34 -3.00 -18.00
CA PRO A 265 1.81 -2.44 -19.28
C PRO A 265 0.79 -1.51 -19.95
N GLU A 266 -0.41 -1.35 -19.40
CA GLU A 266 -1.29 -0.27 -19.85
C GLU A 266 -0.51 1.04 -19.85
N TYR A 267 0.43 1.14 -18.93
CA TYR A 267 1.14 2.38 -18.68
C TYR A 267 2.43 2.51 -19.52
N LEU A 268 2.75 1.50 -20.31
CA LEU A 268 3.99 1.53 -21.06
C LEU A 268 3.91 0.51 -22.19
N TRP A 269 3.52 0.98 -23.37
CA TRP A 269 3.18 0.05 -24.44
C TRP A 269 3.74 0.52 -25.77
N ASP A 270 3.83 -0.40 -26.72
CA ASP A 270 4.20 -0.06 -28.09
C ASP A 270 3.24 -0.80 -29.00
N GLN A 271 2.27 -0.06 -29.56
CA GLN A 271 1.16 -0.69 -30.26
C GLN A 271 1.56 -1.25 -31.64
N GLN A 272 2.49 -0.60 -32.31
CA GLN A 272 2.99 -1.06 -33.60
C GLN A 272 3.68 -2.42 -33.43
N LEU A 273 4.48 -2.53 -32.39
CA LEU A 273 5.29 -3.71 -32.14
C LEU A 273 4.50 -4.87 -31.55
N LEU A 274 3.57 -4.57 -30.63
CA LEU A 274 2.95 -5.59 -29.78
C LEU A 274 1.42 -5.65 -29.88
N GLY A 275 0.84 -4.85 -30.76
CA GLY A 275 -0.60 -4.92 -30.98
C GLY A 275 -1.42 -4.44 -29.78
N TRP A 276 -2.47 -5.16 -29.44
CA TRP A 276 -3.38 -4.75 -28.37
C TRP A 276 -4.05 -5.99 -27.76
N PRO A 277 -3.33 -6.71 -26.90
CA PRO A 277 -3.85 -7.95 -26.31
C PRO A 277 -5.10 -7.68 -25.48
N ALA A 278 -5.99 -8.67 -25.38
CA ALA A 278 -7.23 -8.51 -24.61
C ALA A 278 -6.98 -8.13 -23.15
N VAL A 279 -5.82 -8.54 -22.62
CA VAL A 279 -5.49 -8.24 -21.22
C VAL A 279 -5.32 -6.73 -20.96
N LEU A 280 -5.14 -5.96 -22.03
CA LEU A 280 -5.03 -4.50 -21.93
C LEU A 280 -6.34 -3.84 -22.31
N ARG A 281 -7.08 -3.41 -21.30
CA ARG A 281 -8.39 -2.80 -21.51
C ARG A 281 -8.23 -1.35 -21.98
N LYS A 282 -7.11 -0.74 -21.60
CA LYS A 282 -6.78 0.62 -22.03
CA LYS A 282 -6.78 0.62 -22.03
C LYS A 282 -5.31 0.67 -22.42
N LEU A 283 -4.98 1.53 -23.38
CA LEU A 283 -3.59 1.79 -23.72
C LEU A 283 -3.35 3.25 -23.34
N ARG A 284 -2.59 3.48 -22.27
CA ARG A 284 -2.55 4.80 -21.67
C ARG A 284 -1.38 5.66 -22.15
N PHE A 285 -0.23 5.04 -22.33
CA PHE A 285 1.02 5.78 -22.60
C PHE A 285 1.82 4.91 -23.54
N THR A 286 2.01 5.38 -24.77
CA THR A 286 2.47 4.50 -25.83
C THR A 286 3.61 5.08 -26.65
N ALA A 287 4.40 4.20 -27.26
CA ALA A 287 5.55 4.61 -28.04
C ALA A 287 5.17 5.44 -29.27
N VAL A 288 6.03 6.39 -29.62
CA VAL A 288 5.92 7.09 -30.89
C VAL A 288 6.95 6.50 -31.85
N PRO A 289 6.52 6.09 -33.04
CA PRO A 289 7.44 5.50 -34.02
C PRO A 289 8.68 6.36 -34.18
N LYS A 290 9.85 5.72 -34.21
CA LYS A 290 11.08 6.45 -34.48
C LYS A 290 12.11 5.59 -35.19
N ASN A 291 13.00 6.26 -35.91
CA ASN A 291 14.13 5.62 -36.55
C ASN A 291 15.33 5.76 -35.61
N HIS A 292 15.55 4.73 -34.77
CA HIS A 292 16.55 4.82 -33.70
C HIS A 292 17.90 5.37 -34.19
N GLN A 293 18.46 4.75 -35.22
CA GLN A 293 19.76 5.15 -35.74
C GLN A 293 19.79 6.61 -36.18
N ALA A 294 18.74 7.05 -36.86
CA ALA A 294 18.72 8.41 -37.41
C ALA A 294 18.57 9.45 -36.31
N VAL A 295 17.65 9.19 -35.39
CA VAL A 295 17.27 10.17 -34.38
C VAL A 295 18.29 10.25 -33.24
N ARG A 296 19.11 9.21 -33.10
CA ARG A 296 20.14 9.16 -32.06
C ARG A 296 21.50 9.72 -32.48
N ASN A 297 21.63 10.07 -33.75
CA ASN A 297 22.93 10.52 -34.27
C ASN A 297 22.78 11.70 -35.22
N PRO A 298 23.82 12.56 -35.29
CA PRO A 298 23.81 13.74 -36.16
C PRO A 298 23.49 13.39 -37.61
N ALA B 2 11.36 0.38 14.60
CA ALA B 2 11.09 1.69 14.02
C ALA B 2 10.28 1.53 12.74
N ILE B 3 9.55 2.58 12.35
CA ILE B 3 8.91 2.59 11.02
C ILE B 3 9.77 3.41 10.08
N GLY B 4 10.66 2.74 9.35
CA GLY B 4 11.63 3.40 8.50
C GLY B 4 11.03 4.42 7.53
N GLU B 5 11.73 5.52 7.31
CA GLU B 5 11.25 6.54 6.40
C GLU B 5 11.30 6.08 4.94
N PHE B 6 12.25 5.20 4.64
CA PHE B 6 12.51 4.80 3.26
C PHE B 6 12.45 3.30 3.06
N MET B 7 12.21 2.87 1.83
CA MET B 7 12.26 1.46 1.49
C MET B 7 13.60 0.87 1.98
N VAL B 8 13.57 -0.38 2.44
CA VAL B 8 14.79 -1.06 2.87
C VAL B 8 15.39 -1.94 1.74
N SER B 9 16.67 -2.27 1.85
CA SER B 9 17.31 -3.12 0.86
C SER B 9 17.37 -4.58 1.31
N LEU B 10 16.77 -5.46 0.51
CA LEU B 10 16.75 -6.89 0.81
C LEU B 10 18.01 -7.60 0.32
N PRO B 11 18.38 -8.71 0.96
CA PRO B 11 19.47 -9.54 0.46
C PRO B 11 18.92 -10.42 -0.66
N ARG B 12 19.80 -11.13 -1.36
CA ARG B 12 19.37 -12.12 -2.35
C ARG B 12 18.39 -13.09 -1.72
N MET B 13 17.33 -13.43 -2.45
CA MET B 13 16.35 -14.41 -2.00
C MET B 13 15.89 -15.30 -3.14
N VAL B 14 15.71 -16.58 -2.85
CA VAL B 14 15.19 -17.53 -3.82
C VAL B 14 13.75 -17.89 -3.47
N TYR B 15 12.82 -17.61 -4.39
CA TYR B 15 11.41 -17.94 -4.21
C TYR B 15 10.79 -17.99 -5.60
N PRO B 16 9.58 -18.54 -5.72
CA PRO B 16 8.96 -18.68 -7.02
C PRO B 16 8.59 -17.33 -7.63
N GLN B 17 8.78 -17.20 -8.93
CA GLN B 17 8.50 -15.95 -9.61
C GLN B 17 7.00 -15.69 -9.62
N PRO B 18 6.59 -14.45 -9.26
CA PRO B 18 5.18 -14.12 -9.37
C PRO B 18 4.75 -14.22 -10.83
N LYS B 19 3.52 -14.64 -11.08
CA LYS B 19 3.06 -14.83 -12.46
C LYS B 19 2.03 -13.77 -12.83
N VAL B 20 2.44 -12.80 -13.66
CA VAL B 20 1.60 -11.68 -14.06
C VAL B 20 0.27 -12.13 -14.64
N LEU B 21 0.30 -13.25 -15.38
CA LEU B 21 -0.87 -13.70 -16.12
C LEU B 21 -1.63 -14.83 -15.40
N THR B 22 -1.32 -15.00 -14.12
CA THR B 22 -2.09 -15.89 -13.24
C THR B 22 -2.58 -15.12 -12.01
N PRO B 23 -3.90 -14.97 -11.85
CA PRO B 23 -4.40 -14.30 -10.65
C PRO B 23 -4.07 -15.12 -9.42
N CYS B 24 -3.79 -14.45 -8.29
CA CYS B 24 -3.38 -15.19 -7.10
C CYS B 24 -4.59 -15.81 -6.41
N ARG B 25 -5.74 -15.15 -6.53
CA ARG B 25 -7.00 -15.75 -6.12
C ARG B 25 -8.02 -15.49 -7.21
N LYS B 26 -8.81 -16.50 -7.53
CA LYS B 26 -9.85 -16.35 -8.54
C LYS B 26 -11.23 -16.28 -7.90
N ASP B 27 -11.27 -16.46 -6.59
CA ASP B 27 -12.56 -16.59 -5.89
C ASP B 27 -12.92 -15.39 -5.04
N VAL B 28 -11.95 -14.52 -4.80
CA VAL B 28 -12.15 -13.39 -3.90
C VAL B 28 -11.50 -12.11 -4.44
N LEU B 29 -11.99 -10.97 -3.98
CA LEU B 29 -11.38 -9.68 -4.22
C LEU B 29 -10.11 -9.55 -3.38
N VAL B 30 -8.98 -9.29 -4.03
CA VAL B 30 -7.71 -9.18 -3.28
C VAL B 30 -7.15 -7.75 -3.23
N VAL B 31 -7.88 -6.78 -3.77
CA VAL B 31 -7.51 -5.38 -3.68
C VAL B 31 -8.77 -4.50 -3.64
N THR B 32 -8.80 -3.50 -2.77
CA THR B 32 -9.97 -2.63 -2.69
C THR B 32 -9.94 -1.61 -3.83
N PRO B 33 -11.08 -0.92 -4.08
CA PRO B 33 -11.11 0.14 -5.11
C PRO B 33 -10.18 1.31 -4.81
N TRP B 34 -9.71 1.42 -3.57
CA TRP B 34 -8.69 2.44 -3.28
C TRP B 34 -7.27 1.85 -3.23
N LEU B 35 -7.11 0.67 -3.82
CA LEU B 35 -5.81 0.04 -3.99
C LEU B 35 -5.13 -0.35 -2.68
N ALA B 36 -5.94 -0.78 -1.72
CA ALA B 36 -5.42 -1.39 -0.51
C ALA B 36 -5.52 -2.90 -0.69
N PRO B 37 -4.45 -3.64 -0.40
CA PRO B 37 -4.52 -5.10 -0.44
C PRO B 37 -5.58 -5.63 0.52
N ILE B 38 -6.32 -6.65 0.10
CA ILE B 38 -7.15 -7.43 1.01
C ILE B 38 -6.40 -8.72 1.29
N VAL B 39 -6.07 -8.97 2.54
CA VAL B 39 -5.11 -10.03 2.85
C VAL B 39 -5.73 -11.43 3.02
N TRP B 40 -5.48 -12.27 2.02
CA TRP B 40 -5.89 -13.68 2.04
C TRP B 40 -4.66 -14.55 1.87
N GLU B 41 -4.74 -15.80 2.34
CA GLU B 41 -3.67 -16.75 2.05
C GLU B 41 -3.54 -16.89 0.52
N GLY B 42 -2.31 -16.87 0.02
CA GLY B 42 -2.07 -16.94 -1.41
C GLY B 42 -1.73 -15.59 -2.03
N THR B 43 -1.92 -14.49 -1.29
CA THR B 43 -1.60 -13.15 -1.82
C THR B 43 -0.21 -12.65 -1.42
N PHE B 44 0.40 -13.26 -0.40
CA PHE B 44 1.67 -12.77 0.11
C PHE B 44 2.72 -13.86 0.24
N ASN B 45 3.97 -13.46 0.02
CA ASN B 45 5.11 -14.31 0.35
C ASN B 45 5.65 -13.83 1.70
N ILE B 46 5.46 -14.63 2.75
CA ILE B 46 5.78 -14.20 4.11
C ILE B 46 7.29 -14.03 4.32
N ASP B 47 8.09 -14.72 3.52
CA ASP B 47 9.54 -14.58 3.65
C ASP B 47 10.00 -13.18 3.22
N ILE B 48 9.46 -12.68 2.12
CA ILE B 48 9.78 -11.33 1.69
C ILE B 48 9.31 -10.30 2.73
N LEU B 49 8.08 -10.45 3.20
CA LEU B 49 7.53 -9.50 4.18
C LEU B 49 8.29 -9.55 5.50
N ASN B 50 8.62 -10.75 5.98
CA ASN B 50 9.42 -10.85 7.20
C ASN B 50 10.75 -10.11 7.11
N GLU B 51 11.44 -10.28 5.99
CA GLU B 51 12.72 -9.62 5.79
C GLU B 51 12.52 -8.12 5.85
N GLN B 52 11.46 -7.63 5.19
CA GLN B 52 11.24 -6.19 5.08
C GLN B 52 11.03 -5.59 6.45
N PHE B 53 10.22 -6.26 7.26
CA PHE B 53 9.88 -5.75 8.58
C PHE B 53 10.99 -5.97 9.62
N ARG B 54 11.70 -7.11 9.53
CA ARG B 54 12.84 -7.34 10.42
C ARG B 54 13.94 -6.31 10.22
N LEU B 55 14.18 -5.92 8.97
CA LEU B 55 15.23 -4.95 8.67
C LEU B 55 14.93 -3.59 9.29
N GLN B 56 13.68 -3.37 9.66
CA GLN B 56 13.29 -2.13 10.32
C GLN B 56 13.22 -2.28 11.84
N ASN B 57 13.53 -3.47 12.34
CA ASN B 57 13.39 -3.83 13.76
C ASN B 57 12.02 -3.45 14.28
N THR B 58 11.00 -3.97 13.62
CA THR B 58 9.63 -3.61 13.89
C THR B 58 9.19 -4.19 15.22
N THR B 59 8.57 -3.34 16.05
CA THR B 59 7.94 -3.76 17.29
C THR B 59 6.44 -3.60 17.16
N ILE B 60 5.71 -4.68 17.42
CA ILE B 60 4.25 -4.68 17.32
C ILE B 60 3.67 -4.76 18.71
N GLY B 61 2.78 -3.83 19.04
CA GLY B 61 2.06 -3.92 20.29
C GLY B 61 0.73 -4.59 20.05
N LEU B 62 0.27 -5.38 21.00
CA LEU B 62 -1.02 -6.04 20.88
C LEU B 62 -1.80 -5.69 22.12
N THR B 63 -2.97 -5.06 21.94
CA THR B 63 -3.80 -4.70 23.08
C THR B 63 -4.96 -5.68 23.21
N VAL B 64 -5.27 -6.02 24.44
CA VAL B 64 -6.35 -6.94 24.73
C VAL B 64 -6.93 -6.59 26.10
N PHE B 65 -8.26 -6.58 26.20
CA PHE B 65 -8.94 -6.22 27.43
C PHE B 65 -9.49 -7.46 28.11
N ALA B 66 -9.16 -7.62 29.38
CA ALA B 66 -9.64 -8.76 30.15
C ALA B 66 -10.23 -8.26 31.45
N ILE B 67 -11.47 -7.81 31.35
CA ILE B 67 -12.15 -7.13 32.43
C ILE B 67 -13.17 -8.10 33.04
N LYS B 68 -13.27 -8.10 34.37
CA LYS B 68 -14.18 -8.98 35.11
C LYS B 68 -13.94 -10.46 34.74
N LYS B 69 -14.98 -11.19 34.33
CA LYS B 69 -14.82 -12.63 34.15
C LYS B 69 -13.97 -12.99 32.93
N TYR B 70 -13.70 -12.01 32.07
CA TYR B 70 -12.97 -12.31 30.84
C TYR B 70 -11.48 -12.59 31.08
N VAL B 71 -11.03 -12.45 32.32
CA VAL B 71 -9.64 -12.82 32.63
C VAL B 71 -9.45 -14.30 32.33
N ALA B 72 -10.52 -15.08 32.41
CA ALA B 72 -10.54 -16.50 32.07
C ALA B 72 -10.01 -16.83 30.67
N PHE B 73 -10.13 -15.86 29.76
CA PHE B 73 -9.73 -16.06 28.37
C PHE B 73 -8.24 -15.83 28.14
N LEU B 74 -7.56 -15.23 29.12
CA LEU B 74 -6.18 -14.78 28.91
C LEU B 74 -5.19 -15.90 28.64
N LYS B 75 -5.28 -17.00 29.38
CA LYS B 75 -4.29 -18.09 29.27
CA LYS B 75 -4.28 -18.06 29.26
C LYS B 75 -4.19 -18.61 27.84
N LEU B 76 -5.32 -19.02 27.27
CA LEU B 76 -5.33 -19.56 25.91
C LEU B 76 -4.99 -18.48 24.88
N PHE B 77 -5.51 -17.27 25.09
CA PHE B 77 -5.20 -16.17 24.18
C PHE B 77 -3.70 -16.00 24.07
N LEU B 78 -3.03 -15.83 25.21
CA LEU B 78 -1.60 -15.52 25.23
C LEU B 78 -0.75 -16.68 24.79
N GLU B 79 -1.10 -17.89 25.22
CA GLU B 79 -0.31 -19.05 24.87
C GLU B 79 -0.39 -19.31 23.36
N THR B 80 -1.56 -19.14 22.76
CA THR B 80 -1.65 -19.29 21.30
C THR B 80 -1.00 -18.12 20.53
N ALA B 81 -1.07 -16.89 21.06
CA ALA B 81 -0.36 -15.78 20.44
C ALA B 81 1.13 -16.06 20.38
N GLU B 82 1.65 -16.73 21.41
CA GLU B 82 3.06 -17.08 21.44
C GLU B 82 3.45 -18.02 20.31
N LYS B 83 2.51 -18.88 19.91
CA LYS B 83 2.77 -19.83 18.84
C LYS B 83 2.61 -19.22 17.45
N HIS B 84 1.71 -18.25 17.31
CA HIS B 84 1.24 -17.82 15.99
C HIS B 84 1.36 -16.32 15.66
N PHE B 85 1.50 -15.46 16.66
CA PHE B 85 1.45 -14.01 16.41
C PHE B 85 2.84 -13.38 16.30
N MET B 86 3.18 -12.90 15.10
CA MET B 86 4.40 -12.12 14.88
C MET B 86 5.66 -12.83 15.35
N VAL B 87 5.69 -14.16 15.28
CA VAL B 87 6.87 -14.88 15.76
C VAL B 87 8.10 -14.47 14.97
N GLY B 88 9.18 -14.12 15.68
CA GLY B 88 10.41 -13.65 15.05
C GLY B 88 10.58 -12.14 15.16
N HIS B 89 9.49 -11.46 15.50
CA HIS B 89 9.49 -9.99 15.61
C HIS B 89 9.36 -9.56 17.06
N ARG B 90 9.69 -8.30 17.37
CA ARG B 90 9.52 -7.82 18.74
C ARG B 90 8.03 -7.61 18.98
N VAL B 91 7.54 -8.13 20.11
CA VAL B 91 6.14 -7.98 20.47
C VAL B 91 6.00 -7.49 21.91
N HIS B 92 5.09 -6.55 22.10
CA HIS B 92 4.76 -6.04 23.42
C HIS B 92 3.26 -6.21 23.62
N TYR B 93 2.89 -7.16 24.48
CA TYR B 93 1.48 -7.34 24.81
C TYR B 93 1.08 -6.29 25.85
N TYR B 94 -0.09 -5.70 25.66
CA TYR B 94 -0.66 -4.81 26.66
C TYR B 94 -2.00 -5.39 27.12
N VAL B 95 -2.02 -5.89 28.35
CA VAL B 95 -3.21 -6.50 28.89
C VAL B 95 -3.91 -5.51 29.79
N PHE B 96 -5.06 -5.00 29.35
CA PHE B 96 -5.85 -4.07 30.13
C PHE B 96 -6.77 -4.88 31.03
N THR B 97 -6.72 -4.67 32.35
CA THR B 97 -7.55 -5.49 33.23
C THR B 97 -7.92 -4.77 34.53
N ASP B 98 -9.01 -5.19 35.15
CA ASP B 98 -9.31 -4.68 36.48
C ASP B 98 -8.75 -5.59 37.57
N GLN B 99 -8.12 -6.71 37.17
CA GLN B 99 -7.56 -7.66 38.14
C GLN B 99 -6.14 -8.05 37.78
N PRO B 100 -5.17 -7.18 38.06
CA PRO B 100 -3.80 -7.51 37.68
C PRO B 100 -3.34 -8.85 38.25
N ALA B 101 -3.72 -9.15 39.48
CA ALA B 101 -3.28 -10.40 40.09
C ALA B 101 -3.82 -11.65 39.37
N ALA B 102 -4.86 -11.48 38.54
CA ALA B 102 -5.49 -12.62 37.88
C ALA B 102 -4.92 -12.90 36.49
N VAL B 103 -3.96 -12.09 36.06
CA VAL B 103 -3.30 -12.32 34.79
C VAL B 103 -2.43 -13.58 34.91
N PRO B 104 -2.67 -14.58 34.04
CA PRO B 104 -1.95 -15.84 34.17
C PRO B 104 -0.47 -15.70 33.86
N ARG B 105 0.33 -16.60 34.44
CA ARG B 105 1.74 -16.65 34.15
C ARG B 105 1.88 -17.38 32.83
N VAL B 106 2.38 -16.67 31.82
CA VAL B 106 2.53 -17.23 30.50
C VAL B 106 4.01 -17.05 30.10
N THR B 107 4.63 -18.15 29.68
CA THR B 107 6.02 -18.12 29.25
C THR B 107 6.16 -17.50 27.87
N LEU B 108 7.02 -16.50 27.77
CA LEU B 108 7.18 -15.76 26.52
C LEU B 108 8.50 -16.07 25.79
N GLY B 109 8.44 -16.13 24.46
CA GLY B 109 9.65 -16.28 23.68
C GLY B 109 10.53 -15.03 23.72
N THR B 110 11.76 -15.16 23.22
CA THR B 110 12.68 -14.04 23.25
C THR B 110 12.16 -12.84 22.43
N GLY B 111 12.37 -11.63 22.96
CA GLY B 111 12.02 -10.40 22.26
C GLY B 111 10.56 -10.04 22.47
N ARG B 112 9.93 -10.73 23.41
CA ARG B 112 8.51 -10.55 23.64
C ARG B 112 8.28 -10.18 25.09
N GLN B 113 7.43 -9.20 25.32
CA GLN B 113 7.20 -8.75 26.70
C GLN B 113 5.73 -8.46 26.92
N LEU B 114 5.33 -8.43 28.19
CA LEU B 114 3.92 -8.16 28.51
C LEU B 114 3.87 -7.13 29.61
N SER B 115 2.96 -6.19 29.43
CA SER B 115 2.70 -5.18 30.43
C SER B 115 1.24 -5.31 30.83
N VAL B 116 0.98 -5.23 32.13
CA VAL B 116 -0.40 -5.21 32.64
C VAL B 116 -0.83 -3.79 32.97
N LEU B 117 -1.88 -3.31 32.31
CA LEU B 117 -2.43 -1.99 32.55
C LEU B 117 -3.73 -2.06 33.34
N GLU B 118 -3.71 -1.54 34.56
CA GLU B 118 -4.90 -1.62 35.41
C GLU B 118 -5.88 -0.52 35.02
N VAL B 119 -7.11 -0.93 34.74
CA VAL B 119 -8.15 -0.01 34.36
C VAL B 119 -9.47 -0.35 35.08
N ARG B 120 -10.42 0.58 35.04
CA ARG B 120 -11.71 0.37 35.69
C ARG B 120 -12.59 -0.60 34.91
N ALA B 121 -13.47 -1.28 35.64
CA ALA B 121 -14.48 -2.15 35.06
C ALA B 121 -15.79 -1.37 34.99
N TYR B 122 -16.45 -1.39 33.84
CA TYR B 122 -17.80 -0.86 33.73
C TYR B 122 -18.79 -1.99 33.99
N LYS B 123 -19.98 -1.64 34.44
CA LYS B 123 -20.97 -2.64 34.80
C LYS B 123 -21.54 -3.33 33.55
N ARG B 124 -21.89 -2.55 32.53
CA ARG B 124 -22.49 -3.06 31.30
C ARG B 124 -21.44 -3.54 30.33
N TRP B 125 -21.63 -4.72 29.76
CA TRP B 125 -20.66 -5.25 28.82
C TRP B 125 -20.51 -4.30 27.63
N GLN B 126 -21.61 -3.64 27.25
CA GLN B 126 -21.55 -2.65 26.17
C GLN B 126 -20.53 -1.56 26.47
N ASP B 127 -20.57 -1.05 27.70
CA ASP B 127 -19.63 -0.01 28.11
C ASP B 127 -18.20 -0.54 28.21
N VAL B 128 -18.03 -1.73 28.76
CA VAL B 128 -16.70 -2.33 28.75
C VAL B 128 -16.16 -2.34 27.33
N SER B 129 -16.96 -2.86 26.41
CA SER B 129 -16.53 -2.94 25.00
C SER B 129 -16.24 -1.56 24.39
N MET B 130 -17.15 -0.63 24.59
CA MET B 130 -17.02 0.70 23.98
CA MET B 130 -17.02 0.71 24.00
C MET B 130 -15.88 1.53 24.57
N ARG B 131 -15.67 1.41 25.88
CA ARG B 131 -14.64 2.19 26.53
C ARG B 131 -13.23 1.76 26.15
N ARG B 132 -13.10 0.62 25.49
CA ARG B 132 -11.81 0.27 24.93
C ARG B 132 -11.27 1.39 24.06
N MET B 133 -12.15 2.08 23.32
CA MET B 133 -11.67 3.15 22.44
C MET B 133 -10.98 4.26 23.24
N GLU B 134 -11.68 4.75 24.26
CA GLU B 134 -11.08 5.75 25.14
C GLU B 134 -9.77 5.26 25.73
N MET B 135 -9.76 4.01 26.18
CA MET B 135 -8.61 3.49 26.90
C MET B 135 -7.39 3.29 25.99
N ILE B 136 -7.60 2.70 24.81
CA ILE B 136 -6.52 2.59 23.84
C ILE B 136 -6.00 4.00 23.48
N SER B 137 -6.92 4.92 23.22
CA SER B 137 -6.52 6.28 22.83
C SER B 137 -5.64 6.94 23.91
N ASP B 138 -6.07 6.80 25.16
CA ASP B 138 -5.32 7.36 26.29
CA ASP B 138 -5.32 7.36 26.28
C ASP B 138 -3.91 6.77 26.35
N PHE B 139 -3.80 5.46 26.20
CA PHE B 139 -2.49 4.83 26.31
C PHE B 139 -1.62 4.97 25.07
N CYS B 140 -2.22 5.34 23.94
CA CYS B 140 -1.44 5.68 22.76
C CYS B 140 -0.51 6.83 23.11
N GLU B 141 -1.03 7.81 23.84
CA GLU B 141 -0.18 8.93 24.20
C GLU B 141 0.73 8.59 25.37
N ARG B 142 0.18 7.94 26.38
CA ARG B 142 0.93 7.69 27.60
C ARG B 142 2.13 6.76 27.36
N ARG B 143 1.96 5.81 26.45
CA ARG B 143 2.90 4.69 26.35
C ARG B 143 3.24 4.23 24.94
N PHE B 144 2.22 4.03 24.10
CA PHE B 144 2.45 3.32 22.85
C PHE B 144 3.29 4.12 21.88
N LEU B 145 3.08 5.44 21.86
CA LEU B 145 3.83 6.33 20.97
C LEU B 145 5.36 6.18 21.14
N SER B 146 5.81 6.01 22.38
CA SER B 146 7.25 5.93 22.62
C SER B 146 7.77 4.50 22.73
N GLU B 147 6.90 3.50 22.58
CA GLU B 147 7.23 2.09 22.88
C GLU B 147 7.13 1.07 21.73
N VAL B 148 6.21 1.29 20.79
CA VAL B 148 5.96 0.34 19.70
C VAL B 148 5.74 1.04 18.35
N ASP B 149 5.85 0.29 17.25
CA ASP B 149 5.69 0.87 15.90
C ASP B 149 4.26 0.73 15.41
N TYR B 150 3.69 -0.44 15.62
CA TYR B 150 2.32 -0.71 15.20
C TYR B 150 1.53 -1.20 16.39
N LEU B 151 0.22 -1.03 16.32
CA LEU B 151 -0.69 -1.52 17.34
C LEU B 151 -1.73 -2.38 16.68
N VAL B 152 -2.01 -3.51 17.33
CA VAL B 152 -3.03 -4.42 16.86
C VAL B 152 -3.99 -4.58 18.06
N CYS B 153 -5.28 -4.34 17.83
CA CYS B 153 -6.28 -4.24 18.91
C CYS B 153 -7.33 -5.31 18.69
N VAL B 154 -7.38 -6.29 19.60
CA VAL B 154 -8.24 -7.46 19.38
C VAL B 154 -9.11 -7.81 20.59
N ASP B 155 -10.17 -8.59 20.36
CA ASP B 155 -10.91 -9.25 21.45
C ASP B 155 -10.10 -10.34 22.16
N VAL B 156 -10.45 -10.64 23.41
CA VAL B 156 -9.70 -11.61 24.20
C VAL B 156 -10.34 -12.99 24.13
N ASP B 157 -11.63 -13.04 23.79
CA ASP B 157 -12.36 -14.30 23.78
C ASP B 157 -12.07 -15.07 22.50
N MET B 158 -10.78 -15.28 22.27
CA MET B 158 -10.30 -15.72 20.96
C MET B 158 -9.08 -16.59 21.16
N GLU B 159 -8.70 -17.34 20.13
CA GLU B 159 -7.41 -18.02 20.15
C GLU B 159 -6.80 -17.98 18.75
N PHE B 160 -5.47 -17.99 18.71
CA PHE B 160 -4.76 -18.11 17.46
C PHE B 160 -4.62 -19.58 17.09
N ARG B 161 -4.97 -19.92 15.85
CA ARG B 161 -4.81 -21.28 15.36
C ARG B 161 -3.82 -21.36 14.21
N ASP B 162 -3.47 -20.21 13.65
CA ASP B 162 -2.55 -20.22 12.52
C ASP B 162 -1.86 -18.87 12.44
N HIS B 163 -0.92 -18.77 11.50
CA HIS B 163 -0.06 -17.60 11.33
C HIS B 163 -0.84 -16.30 11.25
N VAL B 164 -0.45 -15.36 12.10
CA VAL B 164 -0.88 -13.96 11.98
C VAL B 164 0.40 -13.15 12.13
N GLY B 165 0.84 -12.54 11.02
CA GLY B 165 2.15 -11.96 10.98
C GLY B 165 2.22 -10.58 10.34
N VAL B 166 3.43 -10.19 9.91
CA VAL B 166 3.65 -8.81 9.48
C VAL B 166 2.91 -8.44 8.21
N GLU B 167 2.35 -9.44 7.54
CA GLU B 167 1.50 -9.18 6.38
C GLU B 167 0.32 -8.26 6.70
N ILE B 168 -0.08 -8.17 7.98
CA ILE B 168 -1.20 -7.29 8.34
C ILE B 168 -0.78 -5.83 8.55
N LEU B 169 0.52 -5.59 8.72
CA LEU B 169 0.95 -4.26 9.19
C LEU B 169 0.96 -3.22 8.09
N THR B 170 0.51 -2.02 8.44
CA THR B 170 0.21 -0.96 7.47
C THR B 170 -0.27 0.22 8.32
N PRO B 171 -0.33 1.42 7.74
CA PRO B 171 -0.75 2.53 8.62
C PRO B 171 -2.15 2.37 9.23
N LEU B 172 -3.10 1.79 8.53
CA LEU B 172 -4.43 1.62 9.11
C LEU B 172 -5.11 0.41 8.49
N PHE B 173 -5.55 -0.53 9.32
CA PHE B 173 -6.26 -1.71 8.82
C PHE B 173 -7.54 -2.05 9.60
N GLY B 174 -8.50 -2.59 8.89
CA GLY B 174 -9.69 -3.18 9.48
C GLY B 174 -9.80 -4.61 8.99
N THR B 175 -10.76 -5.36 9.51
CA THR B 175 -10.88 -6.77 9.19
C THR B 175 -12.31 -7.04 8.75
N LEU B 176 -12.49 -7.81 7.68
CA LEU B 176 -13.86 -8.17 7.29
C LEU B 176 -14.51 -9.06 8.35
N HIS B 177 -15.67 -8.61 8.83
CA HIS B 177 -16.44 -9.33 9.82
C HIS B 177 -16.85 -10.67 9.21
N PRO B 178 -16.71 -11.77 9.97
CA PRO B 178 -16.95 -13.10 9.40
C PRO B 178 -18.40 -13.36 9.06
N GLY B 179 -19.33 -12.63 9.68
CA GLY B 179 -20.74 -12.85 9.42
C GLY B 179 -21.28 -12.22 8.15
N PHE B 180 -20.52 -11.26 7.60
CA PHE B 180 -21.08 -10.37 6.58
C PHE B 180 -20.20 -10.15 5.37
N TYR B 181 -19.11 -10.91 5.23
CA TYR B 181 -18.20 -10.64 4.12
C TYR B 181 -18.86 -10.82 2.75
N GLY B 182 -19.87 -11.69 2.68
CA GLY B 182 -20.57 -11.91 1.43
C GLY B 182 -21.85 -11.11 1.27
N SER B 183 -22.12 -10.20 2.21
CA SER B 183 -23.39 -9.47 2.23
C SER B 183 -23.34 -8.18 1.43
N SER B 184 -24.49 -7.76 0.90
CA SER B 184 -24.58 -6.48 0.22
C SER B 184 -24.68 -5.38 1.27
N ARG B 185 -24.32 -4.15 0.90
CA ARG B 185 -24.24 -3.06 1.88
C ARG B 185 -25.57 -2.75 2.57
N GLU B 186 -26.68 -2.92 1.85
CA GLU B 186 -28.01 -2.69 2.42
C GLU B 186 -28.29 -3.62 3.59
N ALA B 187 -27.65 -4.78 3.58
CA ALA B 187 -27.86 -5.78 4.63
C ALA B 187 -26.94 -5.58 5.83
N PHE B 188 -25.84 -4.83 5.65
CA PHE B 188 -24.91 -4.56 6.74
C PHE B 188 -25.65 -3.98 7.94
N THR B 189 -25.27 -4.37 9.14
CA THR B 189 -25.89 -3.85 10.35
C THR B 189 -25.21 -2.58 10.84
N TYR B 190 -24.96 -1.64 9.91
CA TYR B 190 -24.48 -0.31 10.28
C TYR B 190 -25.56 0.36 11.12
N GLU B 191 -25.17 1.37 11.88
CA GLU B 191 -26.14 2.23 12.56
C GLU B 191 -26.94 2.98 11.48
N ARG B 192 -28.26 2.93 11.53
CA ARG B 192 -29.07 3.55 10.49
C ARG B 192 -29.86 4.78 10.96
N ARG B 193 -29.75 5.15 12.23
CA ARG B 193 -30.45 6.34 12.73
C ARG B 193 -29.59 7.58 12.49
N PRO B 194 -30.13 8.55 11.74
CA PRO B 194 -29.36 9.76 11.43
C PRO B 194 -28.99 10.57 12.67
N GLN B 195 -29.68 10.32 13.78
CA GLN B 195 -29.38 10.99 15.06
C GLN B 195 -28.05 10.55 15.70
N SER B 196 -27.50 9.44 15.24
CA SER B 196 -26.25 8.90 15.77
C SER B 196 -25.07 9.35 14.91
N GLN B 197 -23.94 9.62 15.56
CA GLN B 197 -22.71 9.92 14.83
C GLN B 197 -22.23 8.75 13.95
N ALA B 198 -22.65 7.52 14.27
CA ALA B 198 -22.24 6.33 13.51
C ALA B 198 -23.10 6.06 12.27
N TYR B 199 -24.08 6.92 12.04
CA TYR B 199 -25.00 6.78 10.92
C TYR B 199 -24.32 6.59 9.58
N ILE B 200 -24.76 5.55 8.84
CA ILE B 200 -24.36 5.33 7.46
C ILE B 200 -25.63 4.93 6.71
N PRO B 201 -25.97 5.69 5.66
CA PRO B 201 -27.17 5.40 4.87
C PRO B 201 -26.99 4.19 3.96
N LYS B 202 -28.10 3.68 3.43
CA LYS B 202 -28.09 2.41 2.72
C LYS B 202 -27.33 2.42 1.40
N ASP B 203 -27.06 3.60 0.86
CA ASP B 203 -26.33 3.68 -0.41
C ASP B 203 -24.84 4.02 -0.18
N GLU B 204 -24.40 3.87 1.05
CA GLU B 204 -22.97 4.00 1.39
C GLU B 204 -22.42 2.74 2.05
N GLY B 205 -21.10 2.57 1.97
CA GLY B 205 -20.45 1.48 2.67
C GLY B 205 -19.65 0.61 1.72
N ASP B 206 -18.44 0.29 2.13
CA ASP B 206 -17.60 -0.62 1.36
C ASP B 206 -17.74 -2.04 1.93
N PHE B 207 -17.41 -2.18 3.21
CA PHE B 207 -17.38 -3.48 3.88
C PHE B 207 -17.96 -3.34 5.28
N TYR B 208 -18.25 -4.47 5.91
CA TYR B 208 -18.61 -4.41 7.31
C TYR B 208 -17.42 -4.94 8.10
N TYR B 209 -16.73 -4.03 8.79
CA TYR B 209 -15.53 -4.39 9.54
C TYR B 209 -15.89 -4.85 10.95
N GLY B 210 -15.13 -5.82 11.44
CA GLY B 210 -15.39 -6.37 12.74
C GLY B 210 -14.70 -5.55 13.80
N GLY B 211 -15.41 -5.26 14.88
CA GLY B 211 -14.81 -4.48 15.97
C GLY B 211 -13.71 -5.25 16.72
N ALA B 212 -13.61 -6.56 16.48
CA ALA B 212 -12.72 -7.43 17.27
C ALA B 212 -11.27 -7.50 16.78
N PHE B 213 -10.95 -6.75 15.72
CA PHE B 213 -9.62 -6.84 15.11
C PHE B 213 -9.36 -5.65 14.17
N PHE B 214 -8.59 -4.67 14.67
CA PHE B 214 -8.19 -3.51 13.87
C PHE B 214 -6.82 -3.04 14.37
N GLY B 215 -6.19 -2.12 13.65
CA GLY B 215 -4.84 -1.75 14.01
C GLY B 215 -4.24 -0.80 12.99
N GLY B 216 -2.92 -0.60 13.10
CA GLY B 216 -2.21 0.29 12.20
C GLY B 216 -1.04 0.89 12.95
N SER B 217 -0.48 1.97 12.42
CA SER B 217 0.55 2.70 13.15
C SER B 217 -0.03 3.25 14.43
N VAL B 218 0.82 3.52 15.41
CA VAL B 218 0.33 4.09 16.66
C VAL B 218 -0.42 5.39 16.41
N GLN B 219 0.12 6.23 15.54
CA GLN B 219 -0.54 7.51 15.25
C GLN B 219 -1.93 7.35 14.60
N GLU B 220 -2.08 6.40 13.67
CA GLU B 220 -3.39 6.18 13.06
C GLU B 220 -4.37 5.53 14.03
N VAL B 221 -3.87 4.62 14.86
CA VAL B 221 -4.76 3.99 15.86
C VAL B 221 -5.20 5.02 16.90
N GLN B 222 -4.28 5.90 17.28
CA GLN B 222 -4.68 6.94 18.24
C GLN B 222 -5.78 7.82 17.66
N ARG B 223 -5.66 8.16 16.39
CA ARG B 223 -6.66 9.00 15.75
C ARG B 223 -8.00 8.27 15.62
N LEU B 224 -7.96 7.02 15.20
CA LEU B 224 -9.18 6.23 15.07
C LEU B 224 -9.88 6.09 16.42
N THR B 225 -9.11 5.71 17.45
CA THR B 225 -9.72 5.44 18.74
C THR B 225 -10.24 6.73 19.41
N ARG B 226 -9.48 7.82 19.29
CA ARG B 226 -9.94 9.12 19.80
C ARG B 226 -11.25 9.52 19.10
N ALA B 227 -11.28 9.36 17.78
CA ALA B 227 -12.43 9.80 17.02
C ALA B 227 -13.64 8.95 17.39
N CYS B 228 -13.46 7.64 17.52
CA CYS B 228 -14.58 6.79 17.89
C CYS B 228 -15.11 7.09 19.30
N HIS B 229 -14.20 7.36 20.23
CA HIS B 229 -14.63 7.68 21.58
C HIS B 229 -15.43 8.98 21.57
N GLN B 230 -14.91 10.00 20.88
CA GLN B 230 -15.54 11.30 20.82
C GLN B 230 -16.93 11.20 20.23
N ALA B 231 -17.08 10.37 19.20
CA ALA B 231 -18.37 10.16 18.57
C ALA B 231 -19.32 9.47 19.55
N MET B 232 -18.80 8.53 20.34
CA MET B 232 -19.63 7.83 21.31
C MET B 232 -20.09 8.77 22.40
N MET B 233 -19.23 9.69 22.78
CA MET B 233 -19.61 10.65 23.81
C MET B 233 -20.68 11.63 23.31
N VAL B 234 -20.61 12.00 22.04
CA VAL B 234 -21.64 12.85 21.43
C VAL B 234 -23.00 12.12 21.44
N ASP B 235 -23.00 10.87 20.98
CA ASP B 235 -24.24 10.07 21.01
C ASP B 235 -24.81 9.97 22.42
N GLN B 236 -23.93 9.76 23.40
CA GLN B 236 -24.37 9.64 24.79
C GLN B 236 -25.02 10.95 25.26
N ALA B 237 -24.42 12.08 24.92
CA ALA B 237 -25.03 13.37 25.26
C ALA B 237 -26.37 13.55 24.58
N ASN B 238 -26.55 12.90 23.43
CA ASN B 238 -27.80 12.99 22.66
C ASN B 238 -28.80 11.87 22.96
N GLY B 239 -28.50 11.06 23.97
CA GLY B 239 -29.41 10.01 24.41
C GLY B 239 -29.50 8.81 23.49
N ILE B 240 -28.43 8.51 22.76
CA ILE B 240 -28.48 7.41 21.82
C ILE B 240 -27.24 6.53 21.96
N GLU B 241 -27.41 5.23 21.75
CA GLU B 241 -26.28 4.29 21.75
C GLU B 241 -26.34 3.49 20.47
N ALA B 242 -25.25 3.49 19.71
CA ALA B 242 -25.22 2.81 18.43
C ALA B 242 -25.56 1.33 18.56
N VAL B 243 -26.23 0.82 17.53
CA VAL B 243 -26.76 -0.54 17.54
C VAL B 243 -25.68 -1.58 17.86
N TRP B 244 -24.50 -1.41 17.28
CA TRP B 244 -23.38 -2.32 17.59
C TRP B 244 -22.21 -1.57 18.19
N HIS B 245 -22.53 -0.54 18.96
CA HIS B 245 -21.58 0.01 19.92
C HIS B 245 -20.28 0.46 19.23
N ASP B 246 -19.13 0.07 19.78
CA ASP B 246 -17.86 0.50 19.21
C ASP B 246 -17.70 0.07 17.75
N GLU B 247 -18.27 -1.08 17.40
CA GLU B 247 -18.14 -1.58 16.05
C GLU B 247 -18.86 -0.66 15.06
N SER B 248 -19.95 -0.06 15.50
CA SER B 248 -20.71 0.83 14.62
C SER B 248 -19.88 2.07 14.32
N HIS B 249 -19.22 2.60 15.33
CA HIS B 249 -18.36 3.74 15.16
C HIS B 249 -17.11 3.43 14.36
N LEU B 250 -16.53 2.26 14.59
CA LEU B 250 -15.37 1.80 13.83
C LEU B 250 -15.73 1.78 12.34
N ASN B 251 -16.93 1.31 12.03
CA ASN B 251 -17.37 1.26 10.64
C ASN B 251 -17.57 2.63 10.01
N LYS B 252 -18.16 3.56 10.76
CA LYS B 252 -18.29 4.93 10.26
C LYS B 252 -16.89 5.49 10.03
N TYR B 253 -15.97 5.24 10.95
CA TYR B 253 -14.61 5.80 10.82
C TYR B 253 -13.90 5.30 9.56
N LEU B 254 -13.93 3.99 9.33
CA LEU B 254 -13.21 3.39 8.20
C LEU B 254 -13.92 3.61 6.87
N LEU B 255 -15.20 3.95 6.92
CA LEU B 255 -15.90 4.38 5.72
C LEU B 255 -15.28 5.67 5.18
N ARG B 256 -15.00 6.62 6.08
CA ARG B 256 -14.50 7.92 5.66
C ARG B 256 -12.97 8.01 5.57
N HIS B 257 -12.29 7.19 6.36
CA HIS B 257 -10.83 7.11 6.34
C HIS B 257 -10.47 5.70 5.86
N LYS B 258 -10.21 5.55 4.57
CA LYS B 258 -10.05 4.21 3.99
C LYS B 258 -8.81 3.53 4.57
N PRO B 259 -8.95 2.27 5.00
CA PRO B 259 -7.79 1.54 5.54
C PRO B 259 -6.81 1.18 4.42
N THR B 260 -5.53 1.12 4.77
CA THR B 260 -4.49 0.89 3.78
C THR B 260 -4.25 -0.62 3.54
N LYS B 261 -4.80 -1.48 4.42
CA LYS B 261 -4.96 -2.92 4.11
C LYS B 261 -6.27 -3.34 4.72
N VAL B 262 -6.92 -4.34 4.14
CA VAL B 262 -8.09 -4.94 4.76
C VAL B 262 -7.80 -6.41 5.00
N LEU B 263 -8.07 -6.92 6.19
CA LEU B 263 -7.77 -8.33 6.47
C LEU B 263 -9.01 -9.17 6.16
N SER B 264 -8.80 -10.35 5.56
CA SER B 264 -9.90 -11.25 5.22
C SER B 264 -10.42 -11.90 6.49
N PRO B 265 -11.57 -12.60 6.41
CA PRO B 265 -12.06 -13.24 7.65
C PRO B 265 -11.21 -14.40 8.14
N GLU B 266 -10.16 -14.77 7.41
CA GLU B 266 -9.20 -15.70 7.99
C GLU B 266 -8.76 -15.20 9.37
N TYR B 267 -8.72 -13.87 9.51
CA TYR B 267 -8.13 -13.23 10.69
C TYR B 267 -9.14 -12.98 11.78
N LEU B 268 -10.40 -13.32 11.53
CA LEU B 268 -11.44 -13.11 12.53
C LEU B 268 -12.61 -14.03 12.21
N TRP B 269 -12.64 -15.18 12.88
CA TRP B 269 -13.58 -16.21 12.48
C TRP B 269 -14.33 -16.80 13.70
N ASP B 270 -15.40 -17.53 13.44
CA ASP B 270 -16.08 -18.29 14.48
C ASP B 270 -16.50 -19.58 13.82
N GLN B 271 -15.77 -20.65 14.10
CA GLN B 271 -15.99 -21.91 13.40
C GLN B 271 -17.26 -22.59 13.87
N GLN B 272 -17.63 -22.39 15.13
CA GLN B 272 -18.86 -23.00 15.67
CA GLN B 272 -18.85 -23.03 15.65
C GLN B 272 -20.07 -22.43 14.93
N LEU B 273 -20.06 -21.14 14.71
CA LEU B 273 -21.19 -20.47 14.07
C LEU B 273 -21.20 -20.59 12.53
N LEU B 274 -20.02 -20.66 11.91
CA LEU B 274 -19.89 -20.41 10.48
C LEU B 274 -19.16 -21.52 9.72
N GLY B 275 -18.69 -22.53 10.46
CA GLY B 275 -18.01 -23.65 9.81
C GLY B 275 -16.65 -23.26 9.26
N TRP B 276 -16.30 -23.85 8.13
CA TRP B 276 -15.00 -23.62 7.48
C TRP B 276 -15.23 -23.63 5.98
N PRO B 277 -15.64 -22.49 5.43
CA PRO B 277 -15.98 -22.37 4.00
C PRO B 277 -14.75 -22.50 3.11
N ALA B 278 -14.96 -22.93 1.86
CA ALA B 278 -13.85 -23.13 0.94
C ALA B 278 -13.01 -21.87 0.74
N VAL B 279 -13.63 -20.71 0.90
CA VAL B 279 -12.94 -19.45 0.66
C VAL B 279 -11.86 -19.17 1.72
N LEU B 280 -11.93 -19.88 2.84
CA LEU B 280 -10.91 -19.76 3.90
C LEU B 280 -9.90 -20.91 3.83
N ARG B 281 -8.69 -20.61 3.38
CA ARG B 281 -7.68 -21.65 3.29
C ARG B 281 -7.01 -21.87 4.64
N LYS B 282 -7.05 -20.84 5.48
CA LYS B 282 -6.55 -20.92 6.84
CA LYS B 282 -6.55 -20.92 6.84
C LYS B 282 -7.56 -20.27 7.76
N LEU B 283 -7.62 -20.78 9.00
CA LEU B 283 -8.42 -20.15 10.04
C LEU B 283 -7.39 -19.69 11.07
N ARG B 284 -7.11 -18.40 11.13
CA ARG B 284 -5.96 -17.91 11.90
C ARG B 284 -6.27 -17.46 13.34
N PHE B 285 -7.39 -16.78 13.51
CA PHE B 285 -7.73 -16.18 14.79
C PHE B 285 -9.23 -16.37 14.95
N THR B 286 -9.62 -17.17 15.94
CA THR B 286 -10.98 -17.68 15.98
C THR B 286 -11.62 -17.58 17.35
N ALA B 287 -12.95 -17.51 17.35
CA ALA B 287 -13.73 -17.43 18.57
C ALA B 287 -13.58 -18.63 19.49
N VAL B 288 -13.48 -18.36 20.79
CA VAL B 288 -13.60 -19.38 21.82
C VAL B 288 -15.05 -19.37 22.27
N PRO B 289 -15.71 -20.53 22.25
CA PRO B 289 -17.12 -20.60 22.69
C PRO B 289 -17.35 -19.96 24.06
N LYS B 290 -18.47 -19.26 24.19
CA LYS B 290 -18.81 -18.65 25.46
C LYS B 290 -20.31 -18.49 25.59
N ASN B 291 -20.75 -18.48 26.85
CA ASN B 291 -22.14 -18.20 27.19
C ASN B 291 -22.23 -16.70 27.50
N HIS B 292 -22.60 -15.90 26.48
CA HIS B 292 -22.56 -14.44 26.59
C HIS B 292 -23.17 -13.94 27.90
N GLN B 293 -24.39 -14.37 28.17
CA GLN B 293 -25.10 -13.93 29.35
C GLN B 293 -24.32 -14.26 30.63
N ALA B 294 -23.78 -15.47 30.70
CA ALA B 294 -23.13 -15.92 31.93
C ALA B 294 -21.80 -15.21 32.16
N VAL B 295 -21.00 -15.07 31.11
CA VAL B 295 -19.68 -14.49 31.27
C VAL B 295 -19.70 -12.95 31.39
N ARG B 296 -20.77 -12.31 30.91
CA ARG B 296 -20.85 -10.84 30.93
C ARG B 296 -21.40 -10.24 32.22
N ASN B 297 -21.87 -11.10 33.11
CA ASN B 297 -22.53 -10.66 34.33
C ASN B 297 -22.11 -11.55 35.48
N PRO B 298 -22.26 -11.05 36.71
CA PRO B 298 -21.93 -11.83 37.92
C PRO B 298 -22.57 -13.22 37.92
MN MN C . 11.91 5.53 -25.47
N1 UDP D . 17.25 10.63 -25.20
C2 UDP D . 17.41 11.92 -25.64
N3 UDP D . 18.24 12.22 -26.71
C4 UDP D . 18.94 11.20 -27.34
C5 UDP D . 18.77 9.88 -26.90
C6 UDP D . 17.84 9.59 -25.89
O2 UDP D . 16.79 12.83 -25.08
O4 UDP D . 19.68 11.49 -28.29
C1' UDP D . 16.36 10.40 -24.04
C2' UDP D . 14.89 10.54 -24.43
O2' UDP D . 14.18 11.05 -23.32
C3' UDP D . 14.48 9.11 -24.66
C4' UDP D . 15.28 8.40 -23.58
O4' UDP D . 16.51 9.10 -23.50
O3' UDP D . 13.09 8.96 -24.51
C5' UDP D . 15.52 6.92 -23.88
O5' UDP D . 16.06 6.85 -25.18
PA UDP D . 15.23 6.03 -26.27
O1A UDP D . 15.80 6.23 -27.62
O2A UDP D . 13.81 6.44 -26.16
O3A UDP D . 15.40 4.53 -25.79
PB UDP D . 14.40 3.32 -26.19
O1B UDP D . 14.41 3.10 -27.66
O2B UDP D . 13.01 3.55 -25.74
O3B UDP D . 14.98 2.13 -25.53
C1 BHE E . 12.24 -0.05 -26.67
O1 BHE E . 11.92 -3.89 -26.27
C2 BHE E . 12.17 0.58 -28.06
O2 BHE E . 13.49 0.78 -28.63
C3 BHE E . 11.44 -0.32 -29.03
O3 BHE E . 11.32 0.43 -30.27
C4 BHE E . 10.05 -0.59 -28.54
O4 BHE E . 9.29 0.62 -28.44
C5 BHE E . 10.18 -1.27 -27.16
O5 BHE E . 10.89 -0.39 -26.24
C6 BHE E . 8.79 -1.61 -26.61
O6 BHE E . 15.13 -6.15 -23.48
C6B BHE E . 10.88 -10.82 -26.51
C5B BHE E . 10.43 -9.54 -27.23
C4B BHE E . 10.71 -8.22 -26.47
C3B BHE E . 10.20 -7.10 -27.38
C2B BHE E . 10.38 -5.65 -26.89
C1B BHE E . 11.86 -5.28 -26.65
C1A BHE E . 13.24 -3.49 -25.83
O5A BHE E . 13.58 -4.22 -24.68
C5A BHE E . 14.87 -3.87 -24.18
C6A BHE E . 15.17 -4.79 -23.00
C4A BHE E . 14.90 -2.38 -23.82
O4A BHE E . 13.92 -2.16 -22.84
C3A BHE E . 14.59 -1.60 -25.07
O3A BHE E . 14.54 -0.19 -24.72
C2A BHE E . 13.22 -2.00 -25.56
O2A BHE E . 12.88 -1.30 -26.76
C19 BHE E . 10.17 -11.03 -25.17
C20 BHE E . 10.68 -12.33 -24.56
C1 GOL F . 17.74 1.08 -22.42
O1 GOL F . 18.77 1.18 -23.38
C2 GOL F . 17.58 2.43 -21.70
O2 GOL F . 16.84 2.29 -20.51
C3 GOL F . 16.92 3.47 -22.64
O3 GOL F . 15.62 3.06 -23.04
C1 GOL G . -3.03 8.73 -0.65
O1 GOL G . -2.00 9.38 0.07
C2 GOL G . -4.03 8.05 0.30
O2 GOL G . -4.55 8.96 1.25
C3 GOL G . -3.36 6.86 0.99
O3 GOL G . -4.19 6.44 2.03
MN MN H . -15.44 -11.19 21.27
N1 UDP I . -14.84 -7.52 27.58
C2 UDP I . -14.29 -7.83 28.81
N3 UDP I . -15.11 -8.12 29.89
C4 UDP I . -16.49 -8.12 29.74
C5 UDP I . -17.05 -7.80 28.49
C6 UDP I . -16.20 -7.41 27.44
O2 UDP I . -13.06 -7.82 28.95
O4 UDP I . -17.20 -8.40 30.71
C1' UDP I . -13.91 -7.18 26.48
C2' UDP I . -13.18 -8.44 26.01
O2' UDP I . -11.91 -8.06 25.51
C3' UDP I . -14.06 -8.87 24.84
C4' UDP I . -14.45 -7.53 24.26
O4' UDP I . -14.63 -6.68 25.38
O3' UDP I . -13.29 -9.64 23.96
C5' UDP I . -15.72 -7.56 23.38
O5' UDP I . -16.74 -8.19 24.11
PA UDP I . -17.28 -9.62 23.61
O1A UDP I . -18.12 -10.21 24.67
O2A UDP I . -16.14 -10.50 23.23
O3A UDP I . -18.17 -9.21 22.36
PB UDP I . -18.55 -10.18 21.12
O1B UDP I . -19.33 -11.31 21.67
O2B UDP I . -17.34 -10.66 20.43
O3B UDP I . -19.39 -9.39 20.20
C1 BHE J . -19.98 -11.82 17.75
O1 BHE J . -22.14 -11.83 14.60
C2 BHE J . -20.18 -12.89 18.84
O2 BHE J . -21.03 -12.41 19.90
C3 BHE J . -20.84 -14.16 18.27
O3 BHE J . -20.91 -15.15 19.32
C4 BHE J . -19.97 -14.69 17.15
O4 BHE J . -18.68 -15.13 17.60
C5 BHE J . -19.87 -13.59 16.08
O5 BHE J . -19.27 -12.41 16.65
C6 BHE J . -18.93 -14.06 14.95
O6 BHE J . -24.27 -7.59 13.31
C6B BHE J . -26.49 -13.25 9.46
C5B BHE J . -25.65 -14.03 10.48
C4B BHE J . -24.55 -13.17 11.12
C3B BHE J . -23.81 -14.10 12.07
C2B BHE J . -22.67 -13.46 12.88
C1B BHE J . -23.20 -12.34 13.77
C1A BHE J . -22.43 -10.61 15.32
O5A BHE J . -22.54 -9.53 14.42
C5A BHE J . -22.84 -8.29 15.10
C6A BHE J . -23.11 -7.17 14.08
C4A BHE J . -21.70 -7.96 16.08
O4A BHE J . -20.46 -7.77 15.40
C3A BHE J . -21.61 -9.09 17.07
O3A BHE J . -20.49 -8.80 17.95
C2A BHE J . -21.31 -10.37 16.29
O2A BHE J . -21.22 -11.50 17.20
C19 BHE J . -25.59 -12.79 8.32
C20 BHE J . -26.42 -12.04 7.27
C1 GOL K . -20.38 -5.00 19.46
O1 GOL K . -21.29 -5.39 20.46
C2 GOL K . -19.04 -4.67 20.12
O2 GOL K . -18.15 -4.12 19.17
C3 GOL K . -18.47 -5.90 20.84
O3 GOL K . -18.02 -6.88 19.92
S SO4 L . -20.53 1.58 35.78
O1 SO4 L . -19.60 1.12 36.80
O2 SO4 L . -20.44 0.68 34.64
O3 SO4 L . -21.88 1.59 36.33
O4 SO4 L . -20.19 2.93 35.34
S SO4 M . 16.78 -7.47 18.15
O1 SO4 M . 17.30 -6.30 18.88
O2 SO4 M . 17.28 -8.70 18.79
O3 SO4 M . 15.32 -7.45 18.16
O4 SO4 M . 17.26 -7.39 16.78
#